data_1IMX
# 
_entry.id   1IMX 
# 
_audit_conform.dict_name       mmcif_pdbx.dic 
_audit_conform.dict_version    5.399 
_audit_conform.dict_location   http://mmcif.pdb.org/dictionaries/ascii/mmcif_pdbx.dic 
# 
loop_
_database_2.database_id 
_database_2.database_code 
_database_2.pdbx_database_accession 
_database_2.pdbx_DOI 
PDB   1IMX         pdb_00001imx 10.2210/pdb1imx/pdb 
RCSB  RCSB013417   ?            ?                   
WWPDB D_1000013417 ?            ?                   
# 
loop_
_pdbx_audit_revision_history.ordinal 
_pdbx_audit_revision_history.data_content_type 
_pdbx_audit_revision_history.major_revision 
_pdbx_audit_revision_history.minor_revision 
_pdbx_audit_revision_history.revision_date 
1 'Structure model' 1 0 2001-09-05 
2 'Structure model' 1 1 2008-04-27 
3 'Structure model' 1 2 2011-07-13 
4 'Structure model' 1 3 2024-11-20 
# 
_pdbx_audit_revision_details.ordinal             1 
_pdbx_audit_revision_details.revision_ordinal    1 
_pdbx_audit_revision_details.data_content_type   'Structure model' 
_pdbx_audit_revision_details.provider            repository 
_pdbx_audit_revision_details.type                'Initial release' 
_pdbx_audit_revision_details.description         ? 
_pdbx_audit_revision_details.details             ? 
# 
loop_
_pdbx_audit_revision_group.ordinal 
_pdbx_audit_revision_group.revision_ordinal 
_pdbx_audit_revision_group.data_content_type 
_pdbx_audit_revision_group.group 
1 2 'Structure model' 'Version format compliance' 
2 3 'Structure model' 'Version format compliance' 
3 4 'Structure model' 'Data collection'           
4 4 'Structure model' 'Database references'       
5 4 'Structure model' 'Derived calculations'      
6 4 'Structure model' 'Structure summary'         
# 
loop_
_pdbx_audit_revision_category.ordinal 
_pdbx_audit_revision_category.revision_ordinal 
_pdbx_audit_revision_category.data_content_type 
_pdbx_audit_revision_category.category 
1 4 'Structure model' chem_comp_atom            
2 4 'Structure model' chem_comp_bond            
3 4 'Structure model' database_2                
4 4 'Structure model' pdbx_entry_details        
5 4 'Structure model' pdbx_modification_feature 
6 4 'Structure model' struct_site               
# 
loop_
_pdbx_audit_revision_item.ordinal 
_pdbx_audit_revision_item.revision_ordinal 
_pdbx_audit_revision_item.data_content_type 
_pdbx_audit_revision_item.item 
1 4 'Structure model' '_database_2.pdbx_DOI'                
2 4 'Structure model' '_database_2.pdbx_database_accession' 
3 4 'Structure model' '_struct_site.pdbx_auth_asym_id'      
4 4 'Structure model' '_struct_site.pdbx_auth_comp_id'      
5 4 'Structure model' '_struct_site.pdbx_auth_seq_id'       
# 
_pdbx_database_status.status_code                     REL 
_pdbx_database_status.entry_id                        1IMX 
_pdbx_database_status.recvd_initial_deposition_date   2001-05-11 
_pdbx_database_status.deposit_site                    RCSB 
_pdbx_database_status.process_site                    RCSB 
_pdbx_database_status.status_code_sf                  REL 
_pdbx_database_status.SG_entry                        . 
_pdbx_database_status.pdb_format_compatible           Y 
_pdbx_database_status.status_code_mr                  ? 
_pdbx_database_status.status_code_cs                  ? 
_pdbx_database_status.status_code_nmr_data            ? 
_pdbx_database_status.methods_development_category    ? 
# 
loop_
_audit_author.name 
_audit_author.pdbx_ordinal 
'Vajdos, F.F.'   1 
'Ultsch, M.'     2 
'Schaffer, M.L.' 3 
'Deshayes, K.D.' 4 
'Liu, J.'        5 
'Skelton, N.J.'  6 
'de Vos, A.M.'   7 
# 
_citation.id                        primary 
_citation.title                     
'Crystal structure of human insulin-like growth factor-1: detergent binding inhibits binding protein interactions.' 
_citation.journal_abbrev            Biochemistry 
_citation.journal_volume            40 
_citation.page_first                11022 
_citation.page_last                 11029 
_citation.year                      2001 
_citation.journal_id_ASTM           BICHAW 
_citation.country                   US 
_citation.journal_id_ISSN           0006-2960 
_citation.journal_id_CSD            0033 
_citation.book_publisher            ? 
_citation.pdbx_database_id_PubMed   11551198 
_citation.pdbx_database_id_DOI      10.1021/bi0109111 
# 
loop_
_citation_author.citation_id 
_citation_author.name 
_citation_author.ordinal 
_citation_author.identifier_ORCID 
primary 'Vajdos, F.F.'   1 ? 
primary 'Ultsch, M.'     2 ? 
primary 'Schaffer, M.L.' 3 ? 
primary 'Deshayes, K.D.' 4 ? 
primary 'Liu, J.'        5 ? 
primary 'Skelton, N.J.'  6 ? 
primary 'de Vos, A.M.'   7 ? 
# 
loop_
_entity.id 
_entity.type 
_entity.src_method 
_entity.pdbx_description 
_entity.formula_weight 
_entity.pdbx_number_of_molecules 
_entity.pdbx_ec 
_entity.pdbx_mutation 
_entity.pdbx_fragment 
_entity.details 
1 polymer     man 'Insulin-like Growth Factor 1A'                7663.752 1  ? ? ? ? 
2 non-polymer syn 'BROMIDE ION'                                  79.904   1  ? ? ? ? 
3 non-polymer syn 'N,N-BIS(3-D-GLUCONAMIDOPROPYL)DEOXYCHOLAMIDE' 862.056  1  ? ? ? ? 
4 water       nat water                                          18.015   47 ? ? ? ? 
# 
_entity_name_com.entity_id   1 
_entity_name_com.name        IGF-1 
# 
_entity_poly.entity_id                      1 
_entity_poly.type                           'polypeptide(L)' 
_entity_poly.nstd_linkage                   no 
_entity_poly.nstd_monomer                   no 
_entity_poly.pdbx_seq_one_letter_code       GPETLCGAELVDALQFVCGDRGFYFNKPTGYGSSSRRAPQTGIVDECCFRSCDLRRLEMYCAPLKPAKSA 
_entity_poly.pdbx_seq_one_letter_code_can   GPETLCGAELVDALQFVCGDRGFYFNKPTGYGSSSRRAPQTGIVDECCFRSCDLRRLEMYCAPLKPAKSA 
_entity_poly.pdbx_strand_id                 A 
_entity_poly.pdbx_target_identifier         ? 
# 
loop_
_pdbx_entity_nonpoly.entity_id 
_pdbx_entity_nonpoly.name 
_pdbx_entity_nonpoly.comp_id 
2 'BROMIDE ION'                                  BR  
3 'N,N-BIS(3-D-GLUCONAMIDOPROPYL)DEOXYCHOLAMIDE' CPQ 
4 water                                          HOH 
# 
loop_
_entity_poly_seq.entity_id 
_entity_poly_seq.num 
_entity_poly_seq.mon_id 
_entity_poly_seq.hetero 
1 1  GLY n 
1 2  PRO n 
1 3  GLU n 
1 4  THR n 
1 5  LEU n 
1 6  CYS n 
1 7  GLY n 
1 8  ALA n 
1 9  GLU n 
1 10 LEU n 
1 11 VAL n 
1 12 ASP n 
1 13 ALA n 
1 14 LEU n 
1 15 GLN n 
1 16 PHE n 
1 17 VAL n 
1 18 CYS n 
1 19 GLY n 
1 20 ASP n 
1 21 ARG n 
1 22 GLY n 
1 23 PHE n 
1 24 TYR n 
1 25 PHE n 
1 26 ASN n 
1 27 LYS n 
1 28 PRO n 
1 29 THR n 
1 30 GLY n 
1 31 TYR n 
1 32 GLY n 
1 33 SER n 
1 34 SER n 
1 35 SER n 
1 36 ARG n 
1 37 ARG n 
1 38 ALA n 
1 39 PRO n 
1 40 GLN n 
1 41 THR n 
1 42 GLY n 
1 43 ILE n 
1 44 VAL n 
1 45 ASP n 
1 46 GLU n 
1 47 CYS n 
1 48 CYS n 
1 49 PHE n 
1 50 ARG n 
1 51 SER n 
1 52 CYS n 
1 53 ASP n 
1 54 LEU n 
1 55 ARG n 
1 56 ARG n 
1 57 LEU n 
1 58 GLU n 
1 59 MET n 
1 60 TYR n 
1 61 CYS n 
1 62 ALA n 
1 63 PRO n 
1 64 LEU n 
1 65 LYS n 
1 66 PRO n 
1 67 ALA n 
1 68 LYS n 
1 69 SER n 
1 70 ALA n 
# 
_entity_src_gen.entity_id                          1 
_entity_src_gen.pdbx_src_id                        1 
_entity_src_gen.pdbx_alt_source_flag               sample 
_entity_src_gen.pdbx_seq_type                      ? 
_entity_src_gen.pdbx_beg_seq_num                   ? 
_entity_src_gen.pdbx_end_seq_num                   ? 
_entity_src_gen.gene_src_common_name               human 
_entity_src_gen.gene_src_genus                     Homo 
_entity_src_gen.pdbx_gene_src_gene                 IGF-1 
_entity_src_gen.gene_src_species                   ? 
_entity_src_gen.gene_src_strain                    ? 
_entity_src_gen.gene_src_tissue                    ? 
_entity_src_gen.gene_src_tissue_fraction           ? 
_entity_src_gen.gene_src_details                   ? 
_entity_src_gen.pdbx_gene_src_fragment             ? 
_entity_src_gen.pdbx_gene_src_scientific_name      'Homo sapiens' 
_entity_src_gen.pdbx_gene_src_ncbi_taxonomy_id     9606 
_entity_src_gen.pdbx_gene_src_variant              ? 
_entity_src_gen.pdbx_gene_src_cell_line            ? 
_entity_src_gen.pdbx_gene_src_atcc                 ? 
_entity_src_gen.pdbx_gene_src_organ                ? 
_entity_src_gen.pdbx_gene_src_organelle            ? 
_entity_src_gen.pdbx_gene_src_cell                 ? 
_entity_src_gen.pdbx_gene_src_cellular_location    ? 
_entity_src_gen.host_org_common_name               ? 
_entity_src_gen.pdbx_host_org_scientific_name      'Escherichia coli' 
_entity_src_gen.pdbx_host_org_ncbi_taxonomy_id     562 
_entity_src_gen.host_org_genus                     Escherichia 
_entity_src_gen.pdbx_host_org_gene                 ? 
_entity_src_gen.pdbx_host_org_organ                ? 
_entity_src_gen.host_org_species                   ? 
_entity_src_gen.pdbx_host_org_tissue               ? 
_entity_src_gen.pdbx_host_org_tissue_fraction      ? 
_entity_src_gen.pdbx_host_org_strain               ? 
_entity_src_gen.pdbx_host_org_variant              ? 
_entity_src_gen.pdbx_host_org_cell_line            ? 
_entity_src_gen.pdbx_host_org_atcc                 ? 
_entity_src_gen.pdbx_host_org_culture_collection   ? 
_entity_src_gen.pdbx_host_org_cell                 ? 
_entity_src_gen.pdbx_host_org_organelle            ? 
_entity_src_gen.pdbx_host_org_cellular_location    ? 
_entity_src_gen.pdbx_host_org_vector_type          ? 
_entity_src_gen.pdbx_host_org_vector               ? 
_entity_src_gen.host_org_details                   ? 
_entity_src_gen.expression_system_id               ? 
_entity_src_gen.plasmid_name                       ? 
_entity_src_gen.plasmid_details                    ? 
_entity_src_gen.pdbx_description                   ? 
# 
loop_
_chem_comp.id 
_chem_comp.type 
_chem_comp.mon_nstd_flag 
_chem_comp.name 
_chem_comp.pdbx_synonyms 
_chem_comp.formula 
_chem_comp.formula_weight 
ALA 'L-peptide linking' y ALANINE                                        ?             'C3 H7 N O2'     89.093  
ARG 'L-peptide linking' y ARGININE                                       ?             'C6 H15 N4 O2 1' 175.209 
ASN 'L-peptide linking' y ASPARAGINE                                     ?             'C4 H8 N2 O3'    132.118 
ASP 'L-peptide linking' y 'ASPARTIC ACID'                                ?             'C4 H7 N O4'     133.103 
BR  non-polymer         . 'BROMIDE ION'                                  ?             'Br -1'          79.904  
CPQ non-polymer         . 'N,N-BIS(3-D-GLUCONAMIDOPROPYL)DEOXYCHOLAMIDE' DEOXY-BIGCHAP 'C42 H75 N3 O15' 862.056 
CYS 'L-peptide linking' y CYSTEINE                                       ?             'C3 H7 N O2 S'   121.158 
GLN 'L-peptide linking' y GLUTAMINE                                      ?             'C5 H10 N2 O3'   146.144 
GLU 'L-peptide linking' y 'GLUTAMIC ACID'                                ?             'C5 H9 N O4'     147.129 
GLY 'peptide linking'   y GLYCINE                                        ?             'C2 H5 N O2'     75.067  
HOH non-polymer         . WATER                                          ?             'H2 O'           18.015  
ILE 'L-peptide linking' y ISOLEUCINE                                     ?             'C6 H13 N O2'    131.173 
LEU 'L-peptide linking' y LEUCINE                                        ?             'C6 H13 N O2'    131.173 
LYS 'L-peptide linking' y LYSINE                                         ?             'C6 H15 N2 O2 1' 147.195 
MET 'L-peptide linking' y METHIONINE                                     ?             'C5 H11 N O2 S'  149.211 
PHE 'L-peptide linking' y PHENYLALANINE                                  ?             'C9 H11 N O2'    165.189 
PRO 'L-peptide linking' y PROLINE                                        ?             'C5 H9 N O2'     115.130 
SER 'L-peptide linking' y SERINE                                         ?             'C3 H7 N O3'     105.093 
THR 'L-peptide linking' y THREONINE                                      ?             'C4 H9 N O3'     119.119 
TYR 'L-peptide linking' y TYROSINE                                       ?             'C9 H11 N O3'    181.189 
VAL 'L-peptide linking' y VALINE                                         ?             'C5 H11 N O2'    117.146 
# 
loop_
_pdbx_poly_seq_scheme.asym_id 
_pdbx_poly_seq_scheme.entity_id 
_pdbx_poly_seq_scheme.seq_id 
_pdbx_poly_seq_scheme.mon_id 
_pdbx_poly_seq_scheme.ndb_seq_num 
_pdbx_poly_seq_scheme.pdb_seq_num 
_pdbx_poly_seq_scheme.auth_seq_num 
_pdbx_poly_seq_scheme.pdb_mon_id 
_pdbx_poly_seq_scheme.auth_mon_id 
_pdbx_poly_seq_scheme.pdb_strand_id 
_pdbx_poly_seq_scheme.pdb_ins_code 
_pdbx_poly_seq_scheme.hetero 
A 1 1  GLY 1  1  ?  ?   ?   A . n 
A 1 2  PRO 2  2  ?  ?   ?   A . n 
A 1 3  GLU 3  3  3  GLU GLU A . n 
A 1 4  THR 4  4  4  THR THR A . n 
A 1 5  LEU 5  5  5  LEU LEU A . n 
A 1 6  CYS 6  6  6  CYS CYS A . n 
A 1 7  GLY 7  7  7  GLY GLY A . n 
A 1 8  ALA 8  8  8  ALA ALA A . n 
A 1 9  GLU 9  9  9  GLU GLU A . n 
A 1 10 LEU 10 10 10 LEU LEU A . n 
A 1 11 VAL 11 11 11 VAL VAL A . n 
A 1 12 ASP 12 12 12 ASP ASP A . n 
A 1 13 ALA 13 13 13 ALA ALA A . n 
A 1 14 LEU 14 14 14 LEU LEU A . n 
A 1 15 GLN 15 15 15 GLN GLN A . n 
A 1 16 PHE 16 16 16 PHE PHE A . n 
A 1 17 VAL 17 17 17 VAL VAL A . n 
A 1 18 CYS 18 18 18 CYS CYS A . n 
A 1 19 GLY 19 19 19 GLY GLY A . n 
A 1 20 ASP 20 20 20 ASP ASP A . n 
A 1 21 ARG 21 21 21 ARG ARG A . n 
A 1 22 GLY 22 22 22 GLY GLY A . n 
A 1 23 PHE 23 23 23 PHE PHE A . n 
A 1 24 TYR 24 24 24 TYR TYR A . n 
A 1 25 PHE 25 25 25 PHE PHE A . n 
A 1 26 ASN 26 26 26 ASN ASN A . n 
A 1 27 LYS 27 27 27 LYS LYS A . n 
A 1 28 PRO 28 28 28 PRO PRO A . n 
A 1 29 THR 29 29 29 THR THR A . n 
A 1 30 GLY 30 30 30 GLY GLY A . n 
A 1 31 TYR 31 31 31 TYR TYR A . n 
A 1 32 GLY 32 32 32 GLY GLY A . n 
A 1 33 SER 33 33 33 SER SER A . n 
A 1 34 SER 34 34 34 SER SER A . n 
A 1 35 SER 35 35 ?  ?   ?   A . n 
A 1 36 ARG 36 36 ?  ?   ?   A . n 
A 1 37 ARG 37 37 ?  ?   ?   A . n 
A 1 38 ALA 38 38 ?  ?   ?   A . n 
A 1 39 PRO 39 39 ?  ?   ?   A . n 
A 1 40 GLN 40 40 ?  ?   ?   A . n 
A 1 41 THR 41 41 41 THR THR A . n 
A 1 42 GLY 42 42 42 GLY GLY A . n 
A 1 43 ILE 43 43 43 ILE ILE A . n 
A 1 44 VAL 44 44 44 VAL VAL A . n 
A 1 45 ASP 45 45 45 ASP ASP A . n 
A 1 46 GLU 46 46 46 GLU GLU A . n 
A 1 47 CYS 47 47 47 CYS CYS A . n 
A 1 48 CYS 48 48 48 CYS CYS A . n 
A 1 49 PHE 49 49 49 PHE PHE A . n 
A 1 50 ARG 50 50 50 ARG ARG A . n 
A 1 51 SER 51 51 51 SER SER A . n 
A 1 52 CYS 52 52 52 CYS CYS A . n 
A 1 53 ASP 53 53 53 ASP ASP A . n 
A 1 54 LEU 54 54 54 LEU LEU A . n 
A 1 55 ARG 55 55 55 ARG ARG A . n 
A 1 56 ARG 56 56 56 ARG ARG A . n 
A 1 57 LEU 57 57 57 LEU LEU A . n 
A 1 58 GLU 58 58 58 GLU GLU A . n 
A 1 59 MET 59 59 59 MET MET A . n 
A 1 60 TYR 60 60 60 TYR TYR A . n 
A 1 61 CYS 61 61 61 CYS CYS A . n 
A 1 62 ALA 62 62 62 ALA ALA A . n 
A 1 63 PRO 63 63 63 PRO PRO A . n 
A 1 64 LEU 64 64 64 LEU LEU A . n 
A 1 65 LYS 65 65 ?  ?   ?   A . n 
A 1 66 PRO 66 66 ?  ?   ?   A . n 
A 1 67 ALA 67 67 ?  ?   ?   A . n 
A 1 68 LYS 68 68 ?  ?   ?   A . n 
A 1 69 SER 69 69 ?  ?   ?   A . n 
A 1 70 ALA 70 70 ?  ?   ?   A . n 
# 
loop_
_pdbx_nonpoly_scheme.asym_id 
_pdbx_nonpoly_scheme.entity_id 
_pdbx_nonpoly_scheme.mon_id 
_pdbx_nonpoly_scheme.ndb_seq_num 
_pdbx_nonpoly_scheme.pdb_seq_num 
_pdbx_nonpoly_scheme.auth_seq_num 
_pdbx_nonpoly_scheme.pdb_mon_id 
_pdbx_nonpoly_scheme.auth_mon_id 
_pdbx_nonpoly_scheme.pdb_strand_id 
_pdbx_nonpoly_scheme.pdb_ins_code 
B 2 BR  1  201 1  BR  BR  A . 
C 3 CPQ 1  101 1  CPQ DBC A . 
D 4 HOH 1  202 1  HOH HOH A . 
D 4 HOH 2  203 2  HOH HOH A . 
D 4 HOH 3  204 3  HOH HOH A . 
D 4 HOH 4  205 4  HOH HOH A . 
D 4 HOH 5  206 5  HOH HOH A . 
D 4 HOH 6  207 6  HOH HOH A . 
D 4 HOH 7  208 7  HOH HOH A . 
D 4 HOH 8  209 8  HOH HOH A . 
D 4 HOH 9  210 9  HOH HOH A . 
D 4 HOH 10 211 10 HOH HOH A . 
D 4 HOH 11 212 11 HOH HOH A . 
D 4 HOH 12 213 12 HOH HOH A . 
D 4 HOH 13 214 13 HOH HOH A . 
D 4 HOH 14 215 14 HOH HOH A . 
D 4 HOH 15 216 15 HOH HOH A . 
D 4 HOH 16 217 16 HOH HOH A . 
D 4 HOH 17 218 17 HOH HOH A . 
D 4 HOH 18 219 18 HOH HOH A . 
D 4 HOH 19 220 19 HOH HOH A . 
D 4 HOH 20 221 20 HOH HOH A . 
D 4 HOH 21 222 21 HOH HOH A . 
D 4 HOH 22 223 22 HOH HOH A . 
D 4 HOH 23 224 23 HOH HOH A . 
D 4 HOH 24 225 24 HOH HOH A . 
D 4 HOH 25 226 26 HOH HOH A . 
D 4 HOH 26 227 27 HOH HOH A . 
D 4 HOH 27 228 28 HOH HOH A . 
D 4 HOH 28 229 29 HOH HOH A . 
D 4 HOH 29 230 30 HOH HOH A . 
D 4 HOH 30 231 31 HOH HOH A . 
D 4 HOH 31 232 32 HOH HOH A . 
D 4 HOH 32 233 33 HOH HOH A . 
D 4 HOH 33 234 34 HOH HOH A . 
D 4 HOH 34 235 35 HOH HOH A . 
D 4 HOH 35 236 37 HOH HOH A . 
D 4 HOH 36 237 38 HOH HOH A . 
D 4 HOH 37 238 39 HOH HOH A . 
D 4 HOH 38 239 41 HOH HOH A . 
D 4 HOH 39 240 42 HOH HOH A . 
D 4 HOH 40 241 43 HOH HOH A . 
D 4 HOH 41 242 44 HOH HOH A . 
D 4 HOH 42 243 45 HOH HOH A . 
D 4 HOH 43 244 46 HOH HOH A . 
D 4 HOH 44 245 47 HOH HOH A . 
D 4 HOH 45 246 48 HOH HOH A . 
D 4 HOH 46 247 49 HOH HOH A . 
D 4 HOH 47 248 50 HOH HOH A . 
# 
loop_
_pdbx_unobs_or_zero_occ_atoms.id 
_pdbx_unobs_or_zero_occ_atoms.PDB_model_num 
_pdbx_unobs_or_zero_occ_atoms.polymer_flag 
_pdbx_unobs_or_zero_occ_atoms.occupancy_flag 
_pdbx_unobs_or_zero_occ_atoms.auth_asym_id 
_pdbx_unobs_or_zero_occ_atoms.auth_comp_id 
_pdbx_unobs_or_zero_occ_atoms.auth_seq_id 
_pdbx_unobs_or_zero_occ_atoms.PDB_ins_code 
_pdbx_unobs_or_zero_occ_atoms.auth_atom_id 
_pdbx_unobs_or_zero_occ_atoms.label_alt_id 
_pdbx_unobs_or_zero_occ_atoms.label_asym_id 
_pdbx_unobs_or_zero_occ_atoms.label_comp_id 
_pdbx_unobs_or_zero_occ_atoms.label_seq_id 
_pdbx_unobs_or_zero_occ_atoms.label_atom_id 
1  1 N 0 A CPQ 101 ? C81 ? C CPQ ? C81 
2  1 N 0 A CPQ 101 ? O87 ? C CPQ ? O87 
3  1 N 0 A CPQ 101 ? C82 ? C CPQ ? C82 
4  1 N 0 A CPQ 101 ? O88 ? C CPQ ? O88 
5  1 N 0 A CPQ 101 ? C83 ? C CPQ ? C83 
6  1 N 0 A CPQ 101 ? O89 ? C CPQ ? O89 
7  1 N 0 A CPQ 101 ? C84 ? C CPQ ? C84 
8  1 N 0 A CPQ 101 ? O85 ? C CPQ ? O85 
9  1 N 0 A CPQ 101 ? C92 ? C CPQ ? C92 
10 1 N 0 A CPQ 101 ? O98 ? C CPQ ? O98 
11 1 N 0 A CPQ 101 ? C93 ? C CPQ ? C93 
12 1 N 0 A CPQ 101 ? O99 ? C CPQ ? O99 
13 1 N 0 A CPQ 101 ? C94 ? C CPQ ? C94 
14 1 N 0 A CPQ 101 ? O95 ? C CPQ ? O95 
# 
loop_
_software.name 
_software.classification 
_software.version 
_software.citation_id 
_software.pdbx_ordinal 
DENZO     'data reduction' .    ? 1 
SCALEPACK 'data scaling'   .    ? 2 
SHARP     phasing          .    ? 3 
CNX       refinement       2000 ? 4 
# 
_cell.entry_id           1IMX 
_cell.length_a           31.831 
_cell.length_b           71.055 
_cell.length_c           65.996 
_cell.angle_alpha        90.00 
_cell.angle_beta         90.00 
_cell.angle_gamma        90.00 
_cell.Z_PDB              8 
_cell.pdbx_unique_axis   ? 
# 
_symmetry.entry_id                         1IMX 
_symmetry.space_group_name_H-M             'C 2 2 21' 
_symmetry.pdbx_full_space_group_name_H-M   ? 
_symmetry.cell_setting                     ? 
_symmetry.Int_Tables_number                20 
# 
_exptl.entry_id          1IMX 
_exptl.method            'X-RAY DIFFRACTION' 
_exptl.crystals_number   1 
# 
_exptl_crystal.id                    1 
_exptl_crystal.density_meas          ? 
_exptl_crystal.density_Matthews      2.43 
_exptl_crystal.density_percent_sol   49.45 
_exptl_crystal.description           ? 
# 
_exptl_crystal_grow.crystal_id      1 
_exptl_crystal_grow.method          'VAPOR DIFFUSION, HANGING DROP' 
_exptl_crystal_grow.temp            293 
_exptl_crystal_grow.temp_details    ? 
_exptl_crystal_grow.pH              6.5 
_exptl_crystal_grow.pdbx_details    
'PEG 3350, deoxy big CHAPS, sodium cacodylate, pH 6.5, VAPOR DIFFUSION, HANGING DROP, temperature 293K' 
_exptl_crystal_grow.pdbx_pH_range   ? 
# 
_diffrn.id                     1 
_diffrn.ambient_temp           100 
_diffrn.ambient_temp_details   ? 
_diffrn.crystal_id             1 
# 
_diffrn_detector.diffrn_id              1 
_diffrn_detector.detector               CCD 
_diffrn_detector.type                   'ADSC QUANTUM 4' 
_diffrn_detector.pdbx_collection_date   2001-01-04 
_diffrn_detector.details                ? 
# 
_diffrn_radiation.diffrn_id                        1 
_diffrn_radiation.wavelength_id                    1 
_diffrn_radiation.pdbx_monochromatic_or_laue_m_l   M 
_diffrn_radiation.monochromator                    'double-crystal monochromator' 
_diffrn_radiation.pdbx_diffrn_protocol             MAD 
_diffrn_radiation.pdbx_scattering_type             x-ray 
# 
loop_
_diffrn_radiation_wavelength.id 
_diffrn_radiation_wavelength.wavelength 
_diffrn_radiation_wavelength.wt 
1 0.9197 1.0 
2 1.5406 1.0 
3 0.9199 1.0 
4 0.8610 1.0 
# 
_diffrn_source.diffrn_id                   1 
_diffrn_source.source                      SYNCHROTRON 
_diffrn_source.type                        'SSRL BEAMLINE BL9-2' 
_diffrn_source.pdbx_synchrotron_site       SSRL 
_diffrn_source.pdbx_synchrotron_beamline   BL9-2 
_diffrn_source.pdbx_wavelength             ? 
_diffrn_source.pdbx_wavelength_list        '0.9197, 1.5406, 0.9199, 0.8610' 
# 
_reflns.entry_id                     1IMX 
_reflns.observed_criterion_sigma_I   2 
_reflns.observed_criterion_sigma_F   2 
_reflns.d_resolution_low             20.0 
_reflns.d_resolution_high            1.82 
_reflns.number_obs                   6871 
_reflns.number_all                   6982 
_reflns.percent_possible_obs         98.4 
_reflns.pdbx_Rmerge_I_obs            0.038 
_reflns.pdbx_Rsym_value              ? 
_reflns.pdbx_netI_over_sigmaI        16.7 
_reflns.B_iso_Wilson_estimate        26.2 
_reflns.pdbx_redundancy              1.8 
_reflns.R_free_details               ? 
_reflns.limit_h_max                  ? 
_reflns.limit_h_min                  ? 
_reflns.limit_k_max                  ? 
_reflns.limit_k_min                  ? 
_reflns.limit_l_max                  ? 
_reflns.limit_l_min                  ? 
_reflns.observed_criterion_F_max     ? 
_reflns.observed_criterion_F_min     ? 
_reflns.pdbx_diffrn_id               1 
_reflns.pdbx_ordinal                 1 
# 
_reflns_shell.d_res_high             1.80 
_reflns_shell.d_res_low              1.83 
_reflns_shell.percent_possible_all   99.1 
_reflns_shell.Rmerge_I_obs           0.29 
_reflns_shell.pdbx_Rsym_value        ? 
_reflns_shell.meanI_over_sigI_obs    3.5 
_reflns_shell.pdbx_redundancy        1.8 
_reflns_shell.percent_possible_obs   ? 
_reflns_shell.number_unique_all      ? 
_reflns_shell.pdbx_diffrn_id         ? 
_reflns_shell.pdbx_ordinal           1 
# 
_refine.entry_id                                 1IMX 
_refine.ls_number_reflns_obs                     6871 
_refine.ls_number_reflns_all                     7015 
_refine.pdbx_ls_sigma_I                          ? 
_refine.pdbx_ls_sigma_F                          0.0 
_refine.pdbx_data_cutoff_high_absF               864194.51 
_refine.pdbx_data_cutoff_low_absF                0.00 
_refine.ls_d_res_low                             19.00 
_refine.ls_d_res_high                            1.82 
_refine.ls_percent_reflns_obs                    97.9 
_refine.ls_R_factor_obs                          ? 
_refine.ls_R_factor_all                          ? 
_refine.ls_R_factor_R_work                       0.245 
_refine.ls_R_factor_R_free                       0.258 
_refine.ls_R_factor_R_free_error                 0.011 
_refine.ls_R_factor_R_free_error_details         ? 
_refine.ls_percent_reflns_R_free                 8.1 
_refine.ls_number_reflns_R_free                  558 
_refine.ls_number_parameters                     ? 
_refine.ls_number_restraints                     ? 
_refine.occupancy_min                            ? 
_refine.occupancy_max                            ? 
_refine.B_iso_mean                               33.8 
_refine.aniso_B[1][1]                            -3.68 
_refine.aniso_B[2][2]                            -1.65 
_refine.aniso_B[3][3]                            5.33 
_refine.aniso_B[1][2]                            0.00 
_refine.aniso_B[1][3]                            0.00 
_refine.aniso_B[2][3]                            0.00 
_refine.solvent_model_details                    ? 
_refine.solvent_model_param_ksol                 ? 
_refine.solvent_model_param_bsol                 ? 
_refine.pdbx_ls_cross_valid_method               THROUGHOUT 
_refine.details                                  ? 
_refine.pdbx_starting_model                      ? 
_refine.pdbx_method_to_determine_struct          MAD 
_refine.pdbx_isotropic_thermal_model             RESTRAINED 
_refine.pdbx_stereochemistry_target_values       'Engh & Huber' 
_refine.pdbx_stereochem_target_val_spec_case     ? 
_refine.pdbx_R_Free_selection_details            RANDOM 
_refine.pdbx_overall_ESU_R_Free                  ? 
_refine.overall_SU_B                             ? 
_refine.ls_redundancy_reflns_obs                 ? 
_refine.B_iso_min                                ? 
_refine.B_iso_max                                ? 
_refine.correlation_coeff_Fo_to_Fc               ? 
_refine.correlation_coeff_Fo_to_Fc_free          ? 
_refine.overall_SU_R_Cruickshank_DPI             ? 
_refine.overall_SU_R_free                        ? 
_refine.overall_SU_ML                            ? 
_refine.pdbx_overall_ESU_R                       ? 
_refine.pdbx_data_cutoff_high_rms_absF           ? 
_refine.pdbx_refine_id                           'X-RAY DIFFRACTION' 
_refine.pdbx_diffrn_id                           1 
_refine.pdbx_TLS_residual_ADP_flag               ? 
_refine.pdbx_solvent_vdw_probe_radii             ? 
_refine.pdbx_solvent_ion_probe_radii             ? 
_refine.pdbx_solvent_shrinkage_radii             ? 
_refine.pdbx_overall_phase_error                 ? 
_refine.pdbx_overall_SU_R_free_Cruickshank_DPI   ? 
_refine.pdbx_overall_SU_R_Blow_DPI               ? 
_refine.pdbx_overall_SU_R_free_Blow_DPI          ? 
# 
_refine_analyze.entry_id                        1IMX 
_refine_analyze.Luzzati_coordinate_error_obs    0.24 
_refine_analyze.Luzzati_sigma_a_obs             0.12 
_refine_analyze.Luzzati_d_res_low_obs           5.00 
_refine_analyze.Luzzati_coordinate_error_free   0.27 
_refine_analyze.Luzzati_sigma_a_free            0.17 
_refine_analyze.Luzzati_d_res_low_free          ? 
_refine_analyze.number_disordered_residues      ? 
_refine_analyze.occupancy_sum_hydrogen          ? 
_refine_analyze.occupancy_sum_non_hydrogen      ? 
_refine_analyze.pdbx_Luzzati_d_res_high_obs     ? 
_refine_analyze.pdbx_refine_id                  'X-RAY DIFFRACTION' 
# 
_refine_hist.pdbx_refine_id                   'X-RAY DIFFRACTION' 
_refine_hist.cycle_id                         LAST 
_refine_hist.pdbx_number_atoms_protein        431 
_refine_hist.pdbx_number_atoms_nucleic_acid   0 
_refine_hist.pdbx_number_atoms_ligand         61 
_refine_hist.number_atoms_solvent             47 
_refine_hist.number_atoms_total               539 
_refine_hist.d_res_high                       1.82 
_refine_hist.d_res_low                        19.00 
# 
loop_
_refine_ls_restr.type 
_refine_ls_restr.dev_ideal 
_refine_ls_restr.dev_ideal_target 
_refine_ls_restr.weight 
_refine_ls_restr.number 
_refine_ls_restr.pdbx_refine_id 
_refine_ls_restr.pdbx_restraint_function 
c_bond_d           0.009 ?    ? ? 'X-RAY DIFFRACTION' ? 
c_angle_deg        1.2   ?    ? ? 'X-RAY DIFFRACTION' ? 
c_dihedral_angle_d 20.2  ?    ? ? 'X-RAY DIFFRACTION' ? 
c_improper_angle_d 0.75  ?    ? ? 'X-RAY DIFFRACTION' ? 
c_mcbond_it        1.86  1.50 ? ? 'X-RAY DIFFRACTION' ? 
c_mcangle_it       3.16  2.00 ? ? 'X-RAY DIFFRACTION' ? 
c_scbond_it        2.68  2.00 ? ? 'X-RAY DIFFRACTION' ? 
c_scangle_it       4.21  2.50 ? ? 'X-RAY DIFFRACTION' ? 
# 
_refine_ls_shell.pdbx_total_number_of_bins_used   6 
_refine_ls_shell.d_res_high                       1.80 
_refine_ls_shell.d_res_low                        1.91 
_refine_ls_shell.number_reflns_R_work             825 
_refine_ls_shell.R_factor_R_work                  0.274 
_refine_ls_shell.percent_reflns_obs               74.6 
_refine_ls_shell.R_factor_R_free                  0.335 
_refine_ls_shell.R_factor_R_free_error            0.046 
_refine_ls_shell.percent_reflns_R_free            6.1 
_refine_ls_shell.number_reflns_R_free             54 
_refine_ls_shell.number_reflns_obs                ? 
_refine_ls_shell.redundancy_reflns_obs            ? 
_refine_ls_shell.number_reflns_all                ? 
_refine_ls_shell.pdbx_refine_id                   'X-RAY DIFFRACTION' 
_refine_ls_shell.R_factor_all                     ? 
# 
loop_
_pdbx_xplor_file.serial_no 
_pdbx_xplor_file.param_file 
_pdbx_xplor_file.topol_file 
_pdbx_xplor_file.pdbx_refine_id 
1 PROTEIN_REP.PARAM PROTEIN.TOP 'X-RAY DIFFRACTION' 
2 WATER_REP.PARAM   WATER.TOP   'X-RAY DIFFRACTION' 
3 ION.PARAM         ION.TOP     'X-RAY DIFFRACTION' 
4 DBC.PAR           DBC.TOP     'X-RAY DIFFRACTION' 
# 
_struct.entry_id                  1IMX 
_struct.title                     '1.8 Angstrom crystal structure of IGF-1' 
_struct.pdbx_model_details        ? 
_struct.pdbx_CASP_flag            ? 
_struct.pdbx_model_type_details   ? 
# 
_struct_keywords.entry_id        1IMX 
_struct_keywords.pdbx_keywords   'HORMONE/GROWTH FACTOR' 
_struct_keywords.text            'insulin/relaxin, detergent, HORMONE-GROWTH FACTOR COMPLEX' 
# 
loop_
_struct_asym.id 
_struct_asym.pdbx_blank_PDB_chainid_flag 
_struct_asym.pdbx_modified 
_struct_asym.entity_id 
_struct_asym.details 
A N N 1 ? 
B N N 2 ? 
C N N 3 ? 
D N N 4 ? 
# 
_struct_ref.id                         1 
_struct_ref.db_name                    UNP 
_struct_ref.db_code                    IGF1A_HUMAN 
_struct_ref.entity_id                  1 
_struct_ref.pdbx_seq_one_letter_code   GPETLCGAELVDALQFVCGDRGFYFNKPTGYGSSSRRAPQTGIVDECCFRSCDLRRLEMYCAPLKPAKSA 
_struct_ref.pdbx_align_begin           49 
_struct_ref.pdbx_db_accession          P01343 
_struct_ref.pdbx_db_isoform            ? 
# 
_struct_ref_seq.align_id                      1 
_struct_ref_seq.ref_id                        1 
_struct_ref_seq.pdbx_PDB_id_code              1IMX 
_struct_ref_seq.pdbx_strand_id                A 
_struct_ref_seq.seq_align_beg                 1 
_struct_ref_seq.pdbx_seq_align_beg_ins_code   ? 
_struct_ref_seq.seq_align_end                 70 
_struct_ref_seq.pdbx_seq_align_end_ins_code   ? 
_struct_ref_seq.pdbx_db_accession             P01343 
_struct_ref_seq.db_align_beg                  49 
_struct_ref_seq.pdbx_db_align_beg_ins_code    ? 
_struct_ref_seq.db_align_end                  118 
_struct_ref_seq.pdbx_db_align_end_ins_code    ? 
_struct_ref_seq.pdbx_auth_seq_align_beg       1 
_struct_ref_seq.pdbx_auth_seq_align_end       70 
# 
_pdbx_struct_assembly.id                   1 
_pdbx_struct_assembly.details              author_defined_assembly 
_pdbx_struct_assembly.method_details       ? 
_pdbx_struct_assembly.oligomeric_details   monomeric 
_pdbx_struct_assembly.oligomeric_count     1 
# 
_pdbx_struct_assembly_gen.assembly_id       1 
_pdbx_struct_assembly_gen.oper_expression   1 
_pdbx_struct_assembly_gen.asym_id_list      A,B,C,D 
# 
_pdbx_struct_oper_list.id                   1 
_pdbx_struct_oper_list.type                 'identity operation' 
_pdbx_struct_oper_list.name                 1_555 
_pdbx_struct_oper_list.symmetry_operation   x,y,z 
_pdbx_struct_oper_list.matrix[1][1]         1.0000000000 
_pdbx_struct_oper_list.matrix[1][2]         0.0000000000 
_pdbx_struct_oper_list.matrix[1][3]         0.0000000000 
_pdbx_struct_oper_list.vector[1]            0.0000000000 
_pdbx_struct_oper_list.matrix[2][1]         0.0000000000 
_pdbx_struct_oper_list.matrix[2][2]         1.0000000000 
_pdbx_struct_oper_list.matrix[2][3]         0.0000000000 
_pdbx_struct_oper_list.vector[2]            0.0000000000 
_pdbx_struct_oper_list.matrix[3][1]         0.0000000000 
_pdbx_struct_oper_list.matrix[3][2]         0.0000000000 
_pdbx_struct_oper_list.matrix[3][3]         1.0000000000 
_pdbx_struct_oper_list.vector[3]            0.0000000000 
# 
_struct_biol.id                    1 
_struct_biol.pdbx_parent_biol_id   ? 
_struct_biol.details               ? 
# 
loop_
_struct_conf.conf_type_id 
_struct_conf.id 
_struct_conf.pdbx_PDB_helix_id 
_struct_conf.beg_label_comp_id 
_struct_conf.beg_label_asym_id 
_struct_conf.beg_label_seq_id 
_struct_conf.pdbx_beg_PDB_ins_code 
_struct_conf.end_label_comp_id 
_struct_conf.end_label_asym_id 
_struct_conf.end_label_seq_id 
_struct_conf.pdbx_end_PDB_ins_code 
_struct_conf.beg_auth_comp_id 
_struct_conf.beg_auth_asym_id 
_struct_conf.beg_auth_seq_id 
_struct_conf.end_auth_comp_id 
_struct_conf.end_auth_asym_id 
_struct_conf.end_auth_seq_id 
_struct_conf.pdbx_PDB_helix_class 
_struct_conf.details 
_struct_conf.pdbx_PDB_helix_length 
HELX_P HELX_P1 1 CYS A 6  ? GLY A 19 ? CYS A 6  GLY A 19 1 ? 14 
HELX_P HELX_P2 2 GLY A 42 ? CYS A 48 ? GLY A 42 CYS A 48 1 ? 7  
HELX_P HELX_P3 3 ASP A 53 ? MET A 59 ? ASP A 53 MET A 59 1 ? 7  
# 
_struct_conf_type.id          HELX_P 
_struct_conf_type.criteria    ? 
_struct_conf_type.reference   ? 
# 
loop_
_struct_conn.id 
_struct_conn.conn_type_id 
_struct_conn.pdbx_leaving_atom_flag 
_struct_conn.pdbx_PDB_id 
_struct_conn.ptnr1_label_asym_id 
_struct_conn.ptnr1_label_comp_id 
_struct_conn.ptnr1_label_seq_id 
_struct_conn.ptnr1_label_atom_id 
_struct_conn.pdbx_ptnr1_label_alt_id 
_struct_conn.pdbx_ptnr1_PDB_ins_code 
_struct_conn.pdbx_ptnr1_standard_comp_id 
_struct_conn.ptnr1_symmetry 
_struct_conn.ptnr2_label_asym_id 
_struct_conn.ptnr2_label_comp_id 
_struct_conn.ptnr2_label_seq_id 
_struct_conn.ptnr2_label_atom_id 
_struct_conn.pdbx_ptnr2_label_alt_id 
_struct_conn.pdbx_ptnr2_PDB_ins_code 
_struct_conn.ptnr1_auth_asym_id 
_struct_conn.ptnr1_auth_comp_id 
_struct_conn.ptnr1_auth_seq_id 
_struct_conn.ptnr2_auth_asym_id 
_struct_conn.ptnr2_auth_comp_id 
_struct_conn.ptnr2_auth_seq_id 
_struct_conn.ptnr2_symmetry 
_struct_conn.pdbx_ptnr3_label_atom_id 
_struct_conn.pdbx_ptnr3_label_seq_id 
_struct_conn.pdbx_ptnr3_label_comp_id 
_struct_conn.pdbx_ptnr3_label_asym_id 
_struct_conn.pdbx_ptnr3_label_alt_id 
_struct_conn.pdbx_ptnr3_PDB_ins_code 
_struct_conn.details 
_struct_conn.pdbx_dist_value 
_struct_conn.pdbx_value_order 
_struct_conn.pdbx_role 
disulf1 disulf ? ? A CYS 6  SG ? ? ? 1_555 A CYS 48 SG ? ? A CYS 6  A CYS 48 1_555 ? ? ? ? ? ? ? 2.031 ? ? 
disulf2 disulf ? ? A CYS 18 SG ? ? ? 1_555 A CYS 61 SG ? ? A CYS 18 A CYS 61 1_555 ? ? ? ? ? ? ? 2.028 ? ? 
disulf3 disulf ? ? A CYS 47 SG ? ? ? 1_555 A CYS 52 SG ? ? A CYS 47 A CYS 52 1_555 ? ? ? ? ? ? ? 2.034 ? ? 
# 
_struct_conn_type.id          disulf 
_struct_conn_type.criteria    ? 
_struct_conn_type.reference   ? 
# 
loop_
_pdbx_modification_feature.ordinal 
_pdbx_modification_feature.label_comp_id 
_pdbx_modification_feature.label_asym_id 
_pdbx_modification_feature.label_seq_id 
_pdbx_modification_feature.label_alt_id 
_pdbx_modification_feature.modified_residue_label_comp_id 
_pdbx_modification_feature.modified_residue_label_asym_id 
_pdbx_modification_feature.modified_residue_label_seq_id 
_pdbx_modification_feature.modified_residue_label_alt_id 
_pdbx_modification_feature.auth_comp_id 
_pdbx_modification_feature.auth_asym_id 
_pdbx_modification_feature.auth_seq_id 
_pdbx_modification_feature.PDB_ins_code 
_pdbx_modification_feature.symmetry 
_pdbx_modification_feature.modified_residue_auth_comp_id 
_pdbx_modification_feature.modified_residue_auth_asym_id 
_pdbx_modification_feature.modified_residue_auth_seq_id 
_pdbx_modification_feature.modified_residue_PDB_ins_code 
_pdbx_modification_feature.modified_residue_symmetry 
_pdbx_modification_feature.comp_id_linking_atom 
_pdbx_modification_feature.modified_residue_id_linking_atom 
_pdbx_modification_feature.modified_residue_id 
_pdbx_modification_feature.ref_pcm_id 
_pdbx_modification_feature.ref_comp_id 
_pdbx_modification_feature.type 
_pdbx_modification_feature.category 
1 CYS A 6  ? CYS A 48 ? CYS A 6  ? 1_555 CYS A 48 ? 1_555 SG SG . . . None 'Disulfide bridge' 
2 CYS A 18 ? CYS A 61 ? CYS A 18 ? 1_555 CYS A 61 ? 1_555 SG SG . . . None 'Disulfide bridge' 
3 CYS A 47 ? CYS A 52 ? CYS A 47 ? 1_555 CYS A 52 ? 1_555 SG SG . . . None 'Disulfide bridge' 
# 
loop_
_struct_site.id 
_struct_site.pdbx_evidence_code 
_struct_site.pdbx_auth_asym_id 
_struct_site.pdbx_auth_comp_id 
_struct_site.pdbx_auth_seq_id 
_struct_site.pdbx_auth_ins_code 
_struct_site.pdbx_num_residues 
_struct_site.details 
AC1 Software A BR  201 ? 3  'BINDING SITE FOR RESIDUE BR A 201'  
AC2 Software A CPQ 101 ? 13 'BINDING SITE FOR RESIDUE CPQ A 101' 
# 
loop_
_struct_site_gen.id 
_struct_site_gen.site_id 
_struct_site_gen.pdbx_num_res 
_struct_site_gen.label_comp_id 
_struct_site_gen.label_asym_id 
_struct_site_gen.label_seq_id 
_struct_site_gen.pdbx_auth_ins_code 
_struct_site_gen.auth_comp_id 
_struct_site_gen.auth_asym_id 
_struct_site_gen.auth_seq_id 
_struct_site_gen.label_atom_id 
_struct_site_gen.label_alt_id 
_struct_site_gen.symmetry 
_struct_site_gen.details 
1  AC1 3  TYR A 24 ? TYR A 24  . ? 1_555 ? 
2  AC1 3  PHE A 25 ? PHE A 25  . ? 1_555 ? 
3  AC1 3  ASN A 26 ? ASN A 26  . ? 1_555 ? 
4  AC2 13 GLU A 3  ? GLU A 3   . ? 1_555 ? 
5  AC2 13 THR A 4  ? THR A 4   . ? 1_555 ? 
6  AC2 13 LEU A 5  ? LEU A 5   . ? 1_555 ? 
7  AC2 13 GLN A 15 ? GLN A 15  . ? 8_456 ? 
8  AC2 13 PHE A 16 ? PHE A 16  . ? 1_555 ? 
9  AC2 13 PHE A 25 ? PHE A 25  . ? 8_456 ? 
10 AC2 13 TYR A 31 ? TYR A 31  . ? 5_455 ? 
11 AC2 13 ARG A 50 ? ARG A 50  . ? 6_655 ? 
12 AC2 13 CYS A 52 ? CYS A 52  . ? 1_555 ? 
13 AC2 13 HOH D .  ? HOH A 203 . ? 1_555 ? 
14 AC2 13 HOH D .  ? HOH A 204 . ? 1_555 ? 
15 AC2 13 HOH D .  ? HOH A 212 . ? 1_555 ? 
16 AC2 13 HOH D .  ? HOH A 215 . ? 1_555 ? 
# 
_pdbx_entry_details.entry_id                   1IMX 
_pdbx_entry_details.compound_details           ? 
_pdbx_entry_details.source_details             ? 
_pdbx_entry_details.nonpolymer_details         ? 
_pdbx_entry_details.sequence_details           ? 
_pdbx_entry_details.has_ligand_of_interest     ? 
_pdbx_entry_details.has_protein_modification   Y 
# 
loop_
_pdbx_unobs_or_zero_occ_residues.id 
_pdbx_unobs_or_zero_occ_residues.PDB_model_num 
_pdbx_unobs_or_zero_occ_residues.polymer_flag 
_pdbx_unobs_or_zero_occ_residues.occupancy_flag 
_pdbx_unobs_or_zero_occ_residues.auth_asym_id 
_pdbx_unobs_or_zero_occ_residues.auth_comp_id 
_pdbx_unobs_or_zero_occ_residues.auth_seq_id 
_pdbx_unobs_or_zero_occ_residues.PDB_ins_code 
_pdbx_unobs_or_zero_occ_residues.label_asym_id 
_pdbx_unobs_or_zero_occ_residues.label_comp_id 
_pdbx_unobs_or_zero_occ_residues.label_seq_id 
1  1 Y 1 A GLY 1  ? A GLY 1  
2  1 Y 1 A PRO 2  ? A PRO 2  
3  1 Y 1 A SER 35 ? A SER 35 
4  1 Y 1 A ARG 36 ? A ARG 36 
5  1 Y 1 A ARG 37 ? A ARG 37 
6  1 Y 1 A ALA 38 ? A ALA 38 
7  1 Y 1 A PRO 39 ? A PRO 39 
8  1 Y 1 A GLN 40 ? A GLN 40 
9  1 Y 1 A LYS 65 ? A LYS 65 
10 1 Y 1 A PRO 66 ? A PRO 66 
11 1 Y 1 A ALA 67 ? A ALA 67 
12 1 Y 1 A LYS 68 ? A LYS 68 
13 1 Y 1 A SER 69 ? A SER 69 
14 1 Y 1 A ALA 70 ? A ALA 70 
# 
loop_
_chem_comp_atom.comp_id 
_chem_comp_atom.atom_id 
_chem_comp_atom.type_symbol 
_chem_comp_atom.pdbx_aromatic_flag 
_chem_comp_atom.pdbx_stereo_config 
_chem_comp_atom.pdbx_ordinal 
ALA N    N  N N 1   
ALA CA   C  N S 2   
ALA C    C  N N 3   
ALA O    O  N N 4   
ALA CB   C  N N 5   
ALA OXT  O  N N 6   
ALA H    H  N N 7   
ALA H2   H  N N 8   
ALA HA   H  N N 9   
ALA HB1  H  N N 10  
ALA HB2  H  N N 11  
ALA HB3  H  N N 12  
ALA HXT  H  N N 13  
ARG N    N  N N 14  
ARG CA   C  N S 15  
ARG C    C  N N 16  
ARG O    O  N N 17  
ARG CB   C  N N 18  
ARG CG   C  N N 19  
ARG CD   C  N N 20  
ARG NE   N  N N 21  
ARG CZ   C  N N 22  
ARG NH1  N  N N 23  
ARG NH2  N  N N 24  
ARG OXT  O  N N 25  
ARG H    H  N N 26  
ARG H2   H  N N 27  
ARG HA   H  N N 28  
ARG HB2  H  N N 29  
ARG HB3  H  N N 30  
ARG HG2  H  N N 31  
ARG HG3  H  N N 32  
ARG HD2  H  N N 33  
ARG HD3  H  N N 34  
ARG HE   H  N N 35  
ARG HH11 H  N N 36  
ARG HH12 H  N N 37  
ARG HH21 H  N N 38  
ARG HH22 H  N N 39  
ARG HXT  H  N N 40  
ASN N    N  N N 41  
ASN CA   C  N S 42  
ASN C    C  N N 43  
ASN O    O  N N 44  
ASN CB   C  N N 45  
ASN CG   C  N N 46  
ASN OD1  O  N N 47  
ASN ND2  N  N N 48  
ASN OXT  O  N N 49  
ASN H    H  N N 50  
ASN H2   H  N N 51  
ASN HA   H  N N 52  
ASN HB2  H  N N 53  
ASN HB3  H  N N 54  
ASN HD21 H  N N 55  
ASN HD22 H  N N 56  
ASN HXT  H  N N 57  
ASP N    N  N N 58  
ASP CA   C  N S 59  
ASP C    C  N N 60  
ASP O    O  N N 61  
ASP CB   C  N N 62  
ASP CG   C  N N 63  
ASP OD1  O  N N 64  
ASP OD2  O  N N 65  
ASP OXT  O  N N 66  
ASP H    H  N N 67  
ASP H2   H  N N 68  
ASP HA   H  N N 69  
ASP HB2  H  N N 70  
ASP HB3  H  N N 71  
ASP HD2  H  N N 72  
ASP HXT  H  N N 73  
BR  BR   BR N N 74  
CPQ C1   C  N N 75  
CPQ C2   C  N S 76  
CPQ C3   C  N N 77  
CPQ C4   C  N S 78  
CPQ C5   C  N R 79  
CPQ C6   C  N S 80  
CPQ C7   C  N N 81  
CPQ C8   C  N N 82  
CPQ C9   C  N R 83  
CPQ C10  C  N N 84  
CPQ C11  C  N N 85  
CPQ C12  C  N N 86  
CPQ C13  C  N R 87  
CPQ C14  C  N N 88  
CPQ C15  C  N R 89  
CPQ C16  C  N N 90  
CPQ C17  C  N N 91  
CPQ C18  C  N R 92  
CPQ C19  C  N S 93  
CPQ C20  C  N R 94  
CPQ C21  C  N N 95  
CPQ C22  C  N N 96  
CPQ C23  C  N N 97  
CPQ O2   O  N N 98  
CPQ O4   O  N N 99  
CPQ C57  C  N N 100 
CPQ N59  N  N N 101 
CPQ C74  C  N N 102 
CPQ C75  C  N N 103 
CPQ C76  C  N N 104 
CPQ N77  N  N N 105 
CPQ C78  C  N N 106 
CPQ C80  C  N R 107 
CPQ O86  O  N N 108 
CPQ C81  C  N S 109 
CPQ O87  O  N N 110 
CPQ C82  C  N R 111 
CPQ O88  O  N N 112 
CPQ C83  C  N R 113 
CPQ O89  O  N N 114 
CPQ C84  C  N N 115 
CPQ O85  O  N N 116 
CPQ O79  O  N N 117 
CPQ C68  C  N N 118 
CPQ C69  C  N N 119 
CPQ C70  C  N N 120 
CPQ N71  N  N N 121 
CPQ C72  C  N N 122 
CPQ C90  C  N R 123 
CPQ O96  O  N N 124 
CPQ C91  C  N S 125 
CPQ O97  O  N N 126 
CPQ C92  C  N R 127 
CPQ O98  O  N N 128 
CPQ C93  C  N R 129 
CPQ O99  O  N N 130 
CPQ C94  C  N N 131 
CPQ O95  O  N N 132 
CPQ O73  O  N N 133 
CPQ O58  O  N N 134 
CPQ H11  H  N N 135 
CPQ H12  H  N N 136 
CPQ H31  H  N N 137 
CPQ H32  H  N N 138 
CPQ H4   H  N N 139 
CPQ H6   H  N N 140 
CPQ H71  H  N N 141 
CPQ H72  H  N N 142 
CPQ H81  H  N N 143 
CPQ H82  H  N N 144 
CPQ H9   H  N N 145 
CPQ H101 H  N N 146 
CPQ H102 H  N N 147 
CPQ H103 H  N N 148 
CPQ H111 H  N N 149 
CPQ H112 H  N N 150 
CPQ H113 H  N N 151 
CPQ H121 H  N N 152 
CPQ H122 H  N N 153 
CPQ H13  H  N N 154 
CPQ H141 H  N N 155 
CPQ H142 H  N N 156 
CPQ H151 H  N N 157 
CPQ H161 H  N N 158 
CPQ H162 H  N N 159 
CPQ H171 H  N N 160 
CPQ H172 H  N N 161 
CPQ H18  H  N N 162 
CPQ H19  H  N N 163 
CPQ H20  H  N N 164 
CPQ H211 H  N N 165 
CPQ H212 H  N N 166 
CPQ H213 H  N N 167 
CPQ H221 H  N N 168 
CPQ H222 H  N N 169 
CPQ H231 H  N N 170 
CPQ H232 H  N N 171 
CPQ HO2  H  N N 172 
CPQ HO4  H  N N 173 
CPQ H741 H  N N 174 
CPQ H742 H  N N 175 
CPQ H751 H  N N 176 
CPQ H752 H  N N 177 
CPQ H761 H  N N 178 
CPQ H762 H  N N 179 
CPQ H771 H  N N 180 
CPQ H801 H  N N 181 
CPQ H861 H  N N 182 
CPQ H811 H  N N 183 
CPQ H871 H  N N 184 
CPQ H821 H  N N 185 
CPQ H881 H  N N 186 
CPQ H831 H  N N 187 
CPQ H891 H  N N 188 
CPQ H841 H  N N 189 
CPQ H842 H  N N 190 
CPQ H851 H  N N 191 
CPQ H681 H  N N 192 
CPQ H682 H  N N 193 
CPQ H691 H  N N 194 
CPQ H692 H  N N 195 
CPQ H701 H  N N 196 
CPQ H702 H  N N 197 
CPQ H711 H  N N 198 
CPQ H901 H  N N 199 
CPQ H961 H  N N 200 
CPQ H911 H  N N 201 
CPQ H971 H  N N 202 
CPQ H921 H  N N 203 
CPQ H981 H  N N 204 
CPQ H931 H  N N 205 
CPQ H991 H  N N 206 
CPQ H941 H  N N 207 
CPQ H942 H  N N 208 
CPQ H951 H  N N 209 
CYS N    N  N N 210 
CYS CA   C  N R 211 
CYS C    C  N N 212 
CYS O    O  N N 213 
CYS CB   C  N N 214 
CYS SG   S  N N 215 
CYS OXT  O  N N 216 
CYS H    H  N N 217 
CYS H2   H  N N 218 
CYS HA   H  N N 219 
CYS HB2  H  N N 220 
CYS HB3  H  N N 221 
CYS HG   H  N N 222 
CYS HXT  H  N N 223 
GLN N    N  N N 224 
GLN CA   C  N S 225 
GLN C    C  N N 226 
GLN O    O  N N 227 
GLN CB   C  N N 228 
GLN CG   C  N N 229 
GLN CD   C  N N 230 
GLN OE1  O  N N 231 
GLN NE2  N  N N 232 
GLN OXT  O  N N 233 
GLN H    H  N N 234 
GLN H2   H  N N 235 
GLN HA   H  N N 236 
GLN HB2  H  N N 237 
GLN HB3  H  N N 238 
GLN HG2  H  N N 239 
GLN HG3  H  N N 240 
GLN HE21 H  N N 241 
GLN HE22 H  N N 242 
GLN HXT  H  N N 243 
GLU N    N  N N 244 
GLU CA   C  N S 245 
GLU C    C  N N 246 
GLU O    O  N N 247 
GLU CB   C  N N 248 
GLU CG   C  N N 249 
GLU CD   C  N N 250 
GLU OE1  O  N N 251 
GLU OE2  O  N N 252 
GLU OXT  O  N N 253 
GLU H    H  N N 254 
GLU H2   H  N N 255 
GLU HA   H  N N 256 
GLU HB2  H  N N 257 
GLU HB3  H  N N 258 
GLU HG2  H  N N 259 
GLU HG3  H  N N 260 
GLU HE2  H  N N 261 
GLU HXT  H  N N 262 
GLY N    N  N N 263 
GLY CA   C  N N 264 
GLY C    C  N N 265 
GLY O    O  N N 266 
GLY OXT  O  N N 267 
GLY H    H  N N 268 
GLY H2   H  N N 269 
GLY HA2  H  N N 270 
GLY HA3  H  N N 271 
GLY HXT  H  N N 272 
HOH O    O  N N 273 
HOH H1   H  N N 274 
HOH H2   H  N N 275 
ILE N    N  N N 276 
ILE CA   C  N S 277 
ILE C    C  N N 278 
ILE O    O  N N 279 
ILE CB   C  N S 280 
ILE CG1  C  N N 281 
ILE CG2  C  N N 282 
ILE CD1  C  N N 283 
ILE OXT  O  N N 284 
ILE H    H  N N 285 
ILE H2   H  N N 286 
ILE HA   H  N N 287 
ILE HB   H  N N 288 
ILE HG12 H  N N 289 
ILE HG13 H  N N 290 
ILE HG21 H  N N 291 
ILE HG22 H  N N 292 
ILE HG23 H  N N 293 
ILE HD11 H  N N 294 
ILE HD12 H  N N 295 
ILE HD13 H  N N 296 
ILE HXT  H  N N 297 
LEU N    N  N N 298 
LEU CA   C  N S 299 
LEU C    C  N N 300 
LEU O    O  N N 301 
LEU CB   C  N N 302 
LEU CG   C  N N 303 
LEU CD1  C  N N 304 
LEU CD2  C  N N 305 
LEU OXT  O  N N 306 
LEU H    H  N N 307 
LEU H2   H  N N 308 
LEU HA   H  N N 309 
LEU HB2  H  N N 310 
LEU HB3  H  N N 311 
LEU HG   H  N N 312 
LEU HD11 H  N N 313 
LEU HD12 H  N N 314 
LEU HD13 H  N N 315 
LEU HD21 H  N N 316 
LEU HD22 H  N N 317 
LEU HD23 H  N N 318 
LEU HXT  H  N N 319 
LYS N    N  N N 320 
LYS CA   C  N S 321 
LYS C    C  N N 322 
LYS O    O  N N 323 
LYS CB   C  N N 324 
LYS CG   C  N N 325 
LYS CD   C  N N 326 
LYS CE   C  N N 327 
LYS NZ   N  N N 328 
LYS OXT  O  N N 329 
LYS H    H  N N 330 
LYS H2   H  N N 331 
LYS HA   H  N N 332 
LYS HB2  H  N N 333 
LYS HB3  H  N N 334 
LYS HG2  H  N N 335 
LYS HG3  H  N N 336 
LYS HD2  H  N N 337 
LYS HD3  H  N N 338 
LYS HE2  H  N N 339 
LYS HE3  H  N N 340 
LYS HZ1  H  N N 341 
LYS HZ2  H  N N 342 
LYS HZ3  H  N N 343 
LYS HXT  H  N N 344 
MET N    N  N N 345 
MET CA   C  N S 346 
MET C    C  N N 347 
MET O    O  N N 348 
MET CB   C  N N 349 
MET CG   C  N N 350 
MET SD   S  N N 351 
MET CE   C  N N 352 
MET OXT  O  N N 353 
MET H    H  N N 354 
MET H2   H  N N 355 
MET HA   H  N N 356 
MET HB2  H  N N 357 
MET HB3  H  N N 358 
MET HG2  H  N N 359 
MET HG3  H  N N 360 
MET HE1  H  N N 361 
MET HE2  H  N N 362 
MET HE3  H  N N 363 
MET HXT  H  N N 364 
PHE N    N  N N 365 
PHE CA   C  N S 366 
PHE C    C  N N 367 
PHE O    O  N N 368 
PHE CB   C  N N 369 
PHE CG   C  Y N 370 
PHE CD1  C  Y N 371 
PHE CD2  C  Y N 372 
PHE CE1  C  Y N 373 
PHE CE2  C  Y N 374 
PHE CZ   C  Y N 375 
PHE OXT  O  N N 376 
PHE H    H  N N 377 
PHE H2   H  N N 378 
PHE HA   H  N N 379 
PHE HB2  H  N N 380 
PHE HB3  H  N N 381 
PHE HD1  H  N N 382 
PHE HD2  H  N N 383 
PHE HE1  H  N N 384 
PHE HE2  H  N N 385 
PHE HZ   H  N N 386 
PHE HXT  H  N N 387 
PRO N    N  N N 388 
PRO CA   C  N S 389 
PRO C    C  N N 390 
PRO O    O  N N 391 
PRO CB   C  N N 392 
PRO CG   C  N N 393 
PRO CD   C  N N 394 
PRO OXT  O  N N 395 
PRO H    H  N N 396 
PRO HA   H  N N 397 
PRO HB2  H  N N 398 
PRO HB3  H  N N 399 
PRO HG2  H  N N 400 
PRO HG3  H  N N 401 
PRO HD2  H  N N 402 
PRO HD3  H  N N 403 
PRO HXT  H  N N 404 
SER N    N  N N 405 
SER CA   C  N S 406 
SER C    C  N N 407 
SER O    O  N N 408 
SER CB   C  N N 409 
SER OG   O  N N 410 
SER OXT  O  N N 411 
SER H    H  N N 412 
SER H2   H  N N 413 
SER HA   H  N N 414 
SER HB2  H  N N 415 
SER HB3  H  N N 416 
SER HG   H  N N 417 
SER HXT  H  N N 418 
THR N    N  N N 419 
THR CA   C  N S 420 
THR C    C  N N 421 
THR O    O  N N 422 
THR CB   C  N R 423 
THR OG1  O  N N 424 
THR CG2  C  N N 425 
THR OXT  O  N N 426 
THR H    H  N N 427 
THR H2   H  N N 428 
THR HA   H  N N 429 
THR HB   H  N N 430 
THR HG1  H  N N 431 
THR HG21 H  N N 432 
THR HG22 H  N N 433 
THR HG23 H  N N 434 
THR HXT  H  N N 435 
TYR N    N  N N 436 
TYR CA   C  N S 437 
TYR C    C  N N 438 
TYR O    O  N N 439 
TYR CB   C  N N 440 
TYR CG   C  Y N 441 
TYR CD1  C  Y N 442 
TYR CD2  C  Y N 443 
TYR CE1  C  Y N 444 
TYR CE2  C  Y N 445 
TYR CZ   C  Y N 446 
TYR OH   O  N N 447 
TYR OXT  O  N N 448 
TYR H    H  N N 449 
TYR H2   H  N N 450 
TYR HA   H  N N 451 
TYR HB2  H  N N 452 
TYR HB3  H  N N 453 
TYR HD1  H  N N 454 
TYR HD2  H  N N 455 
TYR HE1  H  N N 456 
TYR HE2  H  N N 457 
TYR HH   H  N N 458 
TYR HXT  H  N N 459 
VAL N    N  N N 460 
VAL CA   C  N S 461 
VAL C    C  N N 462 
VAL O    O  N N 463 
VAL CB   C  N N 464 
VAL CG1  C  N N 465 
VAL CG2  C  N N 466 
VAL OXT  O  N N 467 
VAL H    H  N N 468 
VAL H2   H  N N 469 
VAL HA   H  N N 470 
VAL HB   H  N N 471 
VAL HG11 H  N N 472 
VAL HG12 H  N N 473 
VAL HG13 H  N N 474 
VAL HG21 H  N N 475 
VAL HG22 H  N N 476 
VAL HG23 H  N N 477 
VAL HXT  H  N N 478 
# 
loop_
_chem_comp_bond.comp_id 
_chem_comp_bond.atom_id_1 
_chem_comp_bond.atom_id_2 
_chem_comp_bond.value_order 
_chem_comp_bond.pdbx_aromatic_flag 
_chem_comp_bond.pdbx_stereo_config 
_chem_comp_bond.pdbx_ordinal 
ALA N   CA   sing N N 1   
ALA N   H    sing N N 2   
ALA N   H2   sing N N 3   
ALA CA  C    sing N N 4   
ALA CA  CB   sing N N 5   
ALA CA  HA   sing N N 6   
ALA C   O    doub N N 7   
ALA C   OXT  sing N N 8   
ALA CB  HB1  sing N N 9   
ALA CB  HB2  sing N N 10  
ALA CB  HB3  sing N N 11  
ALA OXT HXT  sing N N 12  
ARG N   CA   sing N N 13  
ARG N   H    sing N N 14  
ARG N   H2   sing N N 15  
ARG CA  C    sing N N 16  
ARG CA  CB   sing N N 17  
ARG CA  HA   sing N N 18  
ARG C   O    doub N N 19  
ARG C   OXT  sing N N 20  
ARG CB  CG   sing N N 21  
ARG CB  HB2  sing N N 22  
ARG CB  HB3  sing N N 23  
ARG CG  CD   sing N N 24  
ARG CG  HG2  sing N N 25  
ARG CG  HG3  sing N N 26  
ARG CD  NE   sing N N 27  
ARG CD  HD2  sing N N 28  
ARG CD  HD3  sing N N 29  
ARG NE  CZ   sing N N 30  
ARG NE  HE   sing N N 31  
ARG CZ  NH1  sing N N 32  
ARG CZ  NH2  doub N N 33  
ARG NH1 HH11 sing N N 34  
ARG NH1 HH12 sing N N 35  
ARG NH2 HH21 sing N N 36  
ARG NH2 HH22 sing N N 37  
ARG OXT HXT  sing N N 38  
ASN N   CA   sing N N 39  
ASN N   H    sing N N 40  
ASN N   H2   sing N N 41  
ASN CA  C    sing N N 42  
ASN CA  CB   sing N N 43  
ASN CA  HA   sing N N 44  
ASN C   O    doub N N 45  
ASN C   OXT  sing N N 46  
ASN CB  CG   sing N N 47  
ASN CB  HB2  sing N N 48  
ASN CB  HB3  sing N N 49  
ASN CG  OD1  doub N N 50  
ASN CG  ND2  sing N N 51  
ASN ND2 HD21 sing N N 52  
ASN ND2 HD22 sing N N 53  
ASN OXT HXT  sing N N 54  
ASP N   CA   sing N N 55  
ASP N   H    sing N N 56  
ASP N   H2   sing N N 57  
ASP CA  C    sing N N 58  
ASP CA  CB   sing N N 59  
ASP CA  HA   sing N N 60  
ASP C   O    doub N N 61  
ASP C   OXT  sing N N 62  
ASP CB  CG   sing N N 63  
ASP CB  HB2  sing N N 64  
ASP CB  HB3  sing N N 65  
ASP CG  OD1  doub N N 66  
ASP CG  OD2  sing N N 67  
ASP OD2 HD2  sing N N 68  
ASP OXT HXT  sing N N 69  
CPQ C1  C2   sing N N 70  
CPQ C1  C12  sing N N 71  
CPQ C1  H11  sing N N 72  
CPQ C1  H12  sing N N 73  
CPQ C2  C11  sing N N 74  
CPQ C2  C15  sing N N 75  
CPQ C2  C19  sing N N 76  
CPQ C3  C4   sing N N 77  
CPQ C3  C19  sing N N 78  
CPQ C3  H31  sing N N 79  
CPQ C3  H32  sing N N 80  
CPQ C4  C5   sing N N 81  
CPQ C4  O4   sing N N 82  
CPQ C4  H4   sing N N 83  
CPQ C5  C6   sing N N 84  
CPQ C5  C9   sing N N 85  
CPQ C5  C10  sing N N 86  
CPQ C6  C7   sing N N 87  
CPQ C6  C18  sing N N 88  
CPQ C6  H6   sing N N 89  
CPQ C7  C8   sing N N 90  
CPQ C7  H71  sing N N 91  
CPQ C7  H72  sing N N 92  
CPQ C8  C9   sing N N 93  
CPQ C8  H81  sing N N 94  
CPQ C8  H82  sing N N 95  
CPQ C9  C20  sing N N 96  
CPQ C9  H9   sing N N 97  
CPQ C10 H101 sing N N 98  
CPQ C10 H102 sing N N 99  
CPQ C10 H103 sing N N 100 
CPQ C11 H111 sing N N 101 
CPQ C11 H112 sing N N 102 
CPQ C11 H113 sing N N 103 
CPQ C12 C13  sing N N 104 
CPQ C12 H121 sing N N 105 
CPQ C12 H122 sing N N 106 
CPQ C13 C14  sing N N 107 
CPQ C13 O2   sing N N 108 
CPQ C13 H13  sing N N 109 
CPQ C14 C15  sing N N 110 
CPQ C14 H141 sing N N 111 
CPQ C14 H142 sing N N 112 
CPQ C15 C16  sing N N 113 
CPQ C15 H151 sing N N 114 
CPQ C16 C17  sing N N 115 
CPQ C16 H161 sing N N 116 
CPQ C16 H162 sing N N 117 
CPQ C17 C18  sing N N 118 
CPQ C17 H171 sing N N 119 
CPQ C17 H172 sing N N 120 
CPQ C18 C19  sing N N 121 
CPQ C18 H18  sing N N 122 
CPQ C19 H19  sing N N 123 
CPQ C20 C21  sing N N 124 
CPQ C20 C22  sing N N 125 
CPQ C20 H20  sing N N 126 
CPQ C21 H211 sing N N 127 
CPQ C21 H212 sing N N 128 
CPQ C21 H213 sing N N 129 
CPQ C22 C23  sing N N 130 
CPQ C22 H221 sing N N 131 
CPQ C22 H222 sing N N 132 
CPQ C23 C57  sing N N 133 
CPQ C23 H231 sing N N 134 
CPQ C23 H232 sing N N 135 
CPQ O2  HO2  sing N N 136 
CPQ O4  HO4  sing N N 137 
CPQ C57 N59  sing N N 138 
CPQ C57 O58  doub N N 139 
CPQ N59 C74  sing N N 140 
CPQ N59 C68  sing N N 141 
CPQ C74 C75  sing N N 142 
CPQ C74 H741 sing N N 143 
CPQ C74 H742 sing N N 144 
CPQ C75 C76  sing N N 145 
CPQ C75 H751 sing N N 146 
CPQ C75 H752 sing N N 147 
CPQ C76 N77  sing N N 148 
CPQ C76 H761 sing N N 149 
CPQ C76 H762 sing N N 150 
CPQ N77 C78  sing N N 151 
CPQ N77 H771 sing N N 152 
CPQ C78 C80  sing N N 153 
CPQ C78 O79  doub N N 154 
CPQ C80 O86  sing N N 155 
CPQ C80 C81  sing N N 156 
CPQ C80 H801 sing N N 157 
CPQ O86 H861 sing N N 158 
CPQ C81 O87  sing N N 159 
CPQ C81 C82  sing N N 160 
CPQ C81 H811 sing N N 161 
CPQ O87 H871 sing N N 162 
CPQ C82 O88  sing N N 163 
CPQ C82 C83  sing N N 164 
CPQ C82 H821 sing N N 165 
CPQ O88 H881 sing N N 166 
CPQ C83 O89  sing N N 167 
CPQ C83 C84  sing N N 168 
CPQ C83 H831 sing N N 169 
CPQ O89 H891 sing N N 170 
CPQ C84 O85  sing N N 171 
CPQ C84 H841 sing N N 172 
CPQ C84 H842 sing N N 173 
CPQ O85 H851 sing N N 174 
CPQ C68 C69  sing N N 175 
CPQ C68 H681 sing N N 176 
CPQ C68 H682 sing N N 177 
CPQ C69 C70  sing N N 178 
CPQ C69 H691 sing N N 179 
CPQ C69 H692 sing N N 180 
CPQ C70 N71  sing N N 181 
CPQ C70 H701 sing N N 182 
CPQ C70 H702 sing N N 183 
CPQ N71 C72  sing N N 184 
CPQ N71 H711 sing N N 185 
CPQ C72 C90  sing N N 186 
CPQ C72 O73  doub N N 187 
CPQ C90 O96  sing N N 188 
CPQ C90 C91  sing N N 189 
CPQ C90 H901 sing N N 190 
CPQ O96 H961 sing N N 191 
CPQ C91 O97  sing N N 192 
CPQ C91 C92  sing N N 193 
CPQ C91 H911 sing N N 194 
CPQ O97 H971 sing N N 195 
CPQ C92 O98  sing N N 196 
CPQ C92 C93  sing N N 197 
CPQ C92 H921 sing N N 198 
CPQ O98 H981 sing N N 199 
CPQ C93 O99  sing N N 200 
CPQ C93 C94  sing N N 201 
CPQ C93 H931 sing N N 202 
CPQ O99 H991 sing N N 203 
CPQ C94 O95  sing N N 204 
CPQ C94 H941 sing N N 205 
CPQ C94 H942 sing N N 206 
CPQ O95 H951 sing N N 207 
CYS N   CA   sing N N 208 
CYS N   H    sing N N 209 
CYS N   H2   sing N N 210 
CYS CA  C    sing N N 211 
CYS CA  CB   sing N N 212 
CYS CA  HA   sing N N 213 
CYS C   O    doub N N 214 
CYS C   OXT  sing N N 215 
CYS CB  SG   sing N N 216 
CYS CB  HB2  sing N N 217 
CYS CB  HB3  sing N N 218 
CYS SG  HG   sing N N 219 
CYS OXT HXT  sing N N 220 
GLN N   CA   sing N N 221 
GLN N   H    sing N N 222 
GLN N   H2   sing N N 223 
GLN CA  C    sing N N 224 
GLN CA  CB   sing N N 225 
GLN CA  HA   sing N N 226 
GLN C   O    doub N N 227 
GLN C   OXT  sing N N 228 
GLN CB  CG   sing N N 229 
GLN CB  HB2  sing N N 230 
GLN CB  HB3  sing N N 231 
GLN CG  CD   sing N N 232 
GLN CG  HG2  sing N N 233 
GLN CG  HG3  sing N N 234 
GLN CD  OE1  doub N N 235 
GLN CD  NE2  sing N N 236 
GLN NE2 HE21 sing N N 237 
GLN NE2 HE22 sing N N 238 
GLN OXT HXT  sing N N 239 
GLU N   CA   sing N N 240 
GLU N   H    sing N N 241 
GLU N   H2   sing N N 242 
GLU CA  C    sing N N 243 
GLU CA  CB   sing N N 244 
GLU CA  HA   sing N N 245 
GLU C   O    doub N N 246 
GLU C   OXT  sing N N 247 
GLU CB  CG   sing N N 248 
GLU CB  HB2  sing N N 249 
GLU CB  HB3  sing N N 250 
GLU CG  CD   sing N N 251 
GLU CG  HG2  sing N N 252 
GLU CG  HG3  sing N N 253 
GLU CD  OE1  doub N N 254 
GLU CD  OE2  sing N N 255 
GLU OE2 HE2  sing N N 256 
GLU OXT HXT  sing N N 257 
GLY N   CA   sing N N 258 
GLY N   H    sing N N 259 
GLY N   H2   sing N N 260 
GLY CA  C    sing N N 261 
GLY CA  HA2  sing N N 262 
GLY CA  HA3  sing N N 263 
GLY C   O    doub N N 264 
GLY C   OXT  sing N N 265 
GLY OXT HXT  sing N N 266 
HOH O   H1   sing N N 267 
HOH O   H2   sing N N 268 
ILE N   CA   sing N N 269 
ILE N   H    sing N N 270 
ILE N   H2   sing N N 271 
ILE CA  C    sing N N 272 
ILE CA  CB   sing N N 273 
ILE CA  HA   sing N N 274 
ILE C   O    doub N N 275 
ILE C   OXT  sing N N 276 
ILE CB  CG1  sing N N 277 
ILE CB  CG2  sing N N 278 
ILE CB  HB   sing N N 279 
ILE CG1 CD1  sing N N 280 
ILE CG1 HG12 sing N N 281 
ILE CG1 HG13 sing N N 282 
ILE CG2 HG21 sing N N 283 
ILE CG2 HG22 sing N N 284 
ILE CG2 HG23 sing N N 285 
ILE CD1 HD11 sing N N 286 
ILE CD1 HD12 sing N N 287 
ILE CD1 HD13 sing N N 288 
ILE OXT HXT  sing N N 289 
LEU N   CA   sing N N 290 
LEU N   H    sing N N 291 
LEU N   H2   sing N N 292 
LEU CA  C    sing N N 293 
LEU CA  CB   sing N N 294 
LEU CA  HA   sing N N 295 
LEU C   O    doub N N 296 
LEU C   OXT  sing N N 297 
LEU CB  CG   sing N N 298 
LEU CB  HB2  sing N N 299 
LEU CB  HB3  sing N N 300 
LEU CG  CD1  sing N N 301 
LEU CG  CD2  sing N N 302 
LEU CG  HG   sing N N 303 
LEU CD1 HD11 sing N N 304 
LEU CD1 HD12 sing N N 305 
LEU CD1 HD13 sing N N 306 
LEU CD2 HD21 sing N N 307 
LEU CD2 HD22 sing N N 308 
LEU CD2 HD23 sing N N 309 
LEU OXT HXT  sing N N 310 
LYS N   CA   sing N N 311 
LYS N   H    sing N N 312 
LYS N   H2   sing N N 313 
LYS CA  C    sing N N 314 
LYS CA  CB   sing N N 315 
LYS CA  HA   sing N N 316 
LYS C   O    doub N N 317 
LYS C   OXT  sing N N 318 
LYS CB  CG   sing N N 319 
LYS CB  HB2  sing N N 320 
LYS CB  HB3  sing N N 321 
LYS CG  CD   sing N N 322 
LYS CG  HG2  sing N N 323 
LYS CG  HG3  sing N N 324 
LYS CD  CE   sing N N 325 
LYS CD  HD2  sing N N 326 
LYS CD  HD3  sing N N 327 
LYS CE  NZ   sing N N 328 
LYS CE  HE2  sing N N 329 
LYS CE  HE3  sing N N 330 
LYS NZ  HZ1  sing N N 331 
LYS NZ  HZ2  sing N N 332 
LYS NZ  HZ3  sing N N 333 
LYS OXT HXT  sing N N 334 
MET N   CA   sing N N 335 
MET N   H    sing N N 336 
MET N   H2   sing N N 337 
MET CA  C    sing N N 338 
MET CA  CB   sing N N 339 
MET CA  HA   sing N N 340 
MET C   O    doub N N 341 
MET C   OXT  sing N N 342 
MET CB  CG   sing N N 343 
MET CB  HB2  sing N N 344 
MET CB  HB3  sing N N 345 
MET CG  SD   sing N N 346 
MET CG  HG2  sing N N 347 
MET CG  HG3  sing N N 348 
MET SD  CE   sing N N 349 
MET CE  HE1  sing N N 350 
MET CE  HE2  sing N N 351 
MET CE  HE3  sing N N 352 
MET OXT HXT  sing N N 353 
PHE N   CA   sing N N 354 
PHE N   H    sing N N 355 
PHE N   H2   sing N N 356 
PHE CA  C    sing N N 357 
PHE CA  CB   sing N N 358 
PHE CA  HA   sing N N 359 
PHE C   O    doub N N 360 
PHE C   OXT  sing N N 361 
PHE CB  CG   sing N N 362 
PHE CB  HB2  sing N N 363 
PHE CB  HB3  sing N N 364 
PHE CG  CD1  doub Y N 365 
PHE CG  CD2  sing Y N 366 
PHE CD1 CE1  sing Y N 367 
PHE CD1 HD1  sing N N 368 
PHE CD2 CE2  doub Y N 369 
PHE CD2 HD2  sing N N 370 
PHE CE1 CZ   doub Y N 371 
PHE CE1 HE1  sing N N 372 
PHE CE2 CZ   sing Y N 373 
PHE CE2 HE2  sing N N 374 
PHE CZ  HZ   sing N N 375 
PHE OXT HXT  sing N N 376 
PRO N   CA   sing N N 377 
PRO N   CD   sing N N 378 
PRO N   H    sing N N 379 
PRO CA  C    sing N N 380 
PRO CA  CB   sing N N 381 
PRO CA  HA   sing N N 382 
PRO C   O    doub N N 383 
PRO C   OXT  sing N N 384 
PRO CB  CG   sing N N 385 
PRO CB  HB2  sing N N 386 
PRO CB  HB3  sing N N 387 
PRO CG  CD   sing N N 388 
PRO CG  HG2  sing N N 389 
PRO CG  HG3  sing N N 390 
PRO CD  HD2  sing N N 391 
PRO CD  HD3  sing N N 392 
PRO OXT HXT  sing N N 393 
SER N   CA   sing N N 394 
SER N   H    sing N N 395 
SER N   H2   sing N N 396 
SER CA  C    sing N N 397 
SER CA  CB   sing N N 398 
SER CA  HA   sing N N 399 
SER C   O    doub N N 400 
SER C   OXT  sing N N 401 
SER CB  OG   sing N N 402 
SER CB  HB2  sing N N 403 
SER CB  HB3  sing N N 404 
SER OG  HG   sing N N 405 
SER OXT HXT  sing N N 406 
THR N   CA   sing N N 407 
THR N   H    sing N N 408 
THR N   H2   sing N N 409 
THR CA  C    sing N N 410 
THR CA  CB   sing N N 411 
THR CA  HA   sing N N 412 
THR C   O    doub N N 413 
THR C   OXT  sing N N 414 
THR CB  OG1  sing N N 415 
THR CB  CG2  sing N N 416 
THR CB  HB   sing N N 417 
THR OG1 HG1  sing N N 418 
THR CG2 HG21 sing N N 419 
THR CG2 HG22 sing N N 420 
THR CG2 HG23 sing N N 421 
THR OXT HXT  sing N N 422 
TYR N   CA   sing N N 423 
TYR N   H    sing N N 424 
TYR N   H2   sing N N 425 
TYR CA  C    sing N N 426 
TYR CA  CB   sing N N 427 
TYR CA  HA   sing N N 428 
TYR C   O    doub N N 429 
TYR C   OXT  sing N N 430 
TYR CB  CG   sing N N 431 
TYR CB  HB2  sing N N 432 
TYR CB  HB3  sing N N 433 
TYR CG  CD1  doub Y N 434 
TYR CG  CD2  sing Y N 435 
TYR CD1 CE1  sing Y N 436 
TYR CD1 HD1  sing N N 437 
TYR CD2 CE2  doub Y N 438 
TYR CD2 HD2  sing N N 439 
TYR CE1 CZ   doub Y N 440 
TYR CE1 HE1  sing N N 441 
TYR CE2 CZ   sing Y N 442 
TYR CE2 HE2  sing N N 443 
TYR CZ  OH   sing N N 444 
TYR OH  HH   sing N N 445 
TYR OXT HXT  sing N N 446 
VAL N   CA   sing N N 447 
VAL N   H    sing N N 448 
VAL N   H2   sing N N 449 
VAL CA  C    sing N N 450 
VAL CA  CB   sing N N 451 
VAL CA  HA   sing N N 452 
VAL C   O    doub N N 453 
VAL C   OXT  sing N N 454 
VAL CB  CG1  sing N N 455 
VAL CB  CG2  sing N N 456 
VAL CB  HB   sing N N 457 
VAL CG1 HG11 sing N N 458 
VAL CG1 HG12 sing N N 459 
VAL CG1 HG13 sing N N 460 
VAL CG2 HG21 sing N N 461 
VAL CG2 HG22 sing N N 462 
VAL CG2 HG23 sing N N 463 
VAL OXT HXT  sing N N 464 
# 
_atom_sites.entry_id                    1IMX 
_atom_sites.fract_transf_matrix[1][1]   0.03061048 
_atom_sites.fract_transf_matrix[1][2]   -0.00002906 
_atom_sites.fract_transf_matrix[1][3]   0.00706842 
_atom_sites.fract_transf_matrix[2][1]   0.00101112 
_atom_sites.fract_transf_matrix[2][2]   0.01335513 
_atom_sites.fract_transf_matrix[2][3]   -0.00432385 
_atom_sites.fract_transf_matrix[3][1]   -0.00323068 
_atom_sites.fract_transf_matrix[3][2]   0.00478060 
_atom_sites.fract_transf_matrix[3][3]   0.01401041 
_atom_sites.fract_transf_vector[1]      0.823153 
_atom_sites.fract_transf_vector[2]      0.144533 
_atom_sites.fract_transf_vector[3]      0.436620 
# 
loop_
_atom_type.symbol 
BR 
C  
N  
O  
S  
# 
loop_
_atom_site.group_PDB 
_atom_site.id 
_atom_site.type_symbol 
_atom_site.label_atom_id 
_atom_site.label_alt_id 
_atom_site.label_comp_id 
_atom_site.label_asym_id 
_atom_site.label_entity_id 
_atom_site.label_seq_id 
_atom_site.pdbx_PDB_ins_code 
_atom_site.Cartn_x 
_atom_site.Cartn_y 
_atom_site.Cartn_z 
_atom_site.occupancy 
_atom_site.B_iso_or_equiv 
_atom_site.pdbx_formal_charge 
_atom_site.auth_seq_id 
_atom_site.auth_comp_id 
_atom_site.auth_asym_id 
_atom_site.auth_atom_id 
_atom_site.pdbx_PDB_model_num 
ATOM   1   N  N   . GLU A 1 3  ? -1.771  9.253   -13.878 1.00 40.58 ? 3   GLU A N   1 
ATOM   2   C  CA  . GLU A 1 3  ? -1.654  9.866   -12.523 1.00 39.28 ? 3   GLU A CA  1 
ATOM   3   C  C   . GLU A 1 3  ? -1.350  8.776   -11.501 1.00 36.12 ? 3   GLU A C   1 
ATOM   4   O  O   . GLU A 1 3  ? -2.167  7.879   -11.272 1.00 34.69 ? 3   GLU A O   1 
ATOM   5   C  CB  . GLU A 1 3  ? -2.959  10.578  -12.156 1.00 43.29 ? 3   GLU A CB  1 
ATOM   6   C  CG  . GLU A 1 3  ? -2.885  11.422  -10.895 1.00 47.70 ? 3   GLU A CG  1 
ATOM   7   C  CD  . GLU A 1 3  ? -1.906  12.576  -11.015 1.00 51.18 ? 3   GLU A CD  1 
ATOM   8   O  OE1 . GLU A 1 3  ? -0.687  12.322  -11.134 1.00 53.19 ? 3   GLU A OE1 1 
ATOM   9   O  OE2 . GLU A 1 3  ? -2.359  13.741  -10.992 1.00 53.34 ? 3   GLU A OE2 1 
ATOM   10  N  N   . THR A 1 4  ? -0.169  8.853   -10.896 1.00 32.31 ? 4   THR A N   1 
ATOM   11  C  CA  . THR A 1 4  ? 0.240   7.860   -9.911  1.00 28.03 ? 4   THR A CA  1 
ATOM   12  C  C   . THR A 1 4  ? 0.568   8.517   -8.569  1.00 25.42 ? 4   THR A C   1 
ATOM   13  O  O   . THR A 1 4  ? 0.533   9.741   -8.432  1.00 24.26 ? 4   THR A O   1 
ATOM   14  C  CB  . THR A 1 4  ? 1.482   7.068   -10.389 1.00 27.05 ? 4   THR A CB  1 
ATOM   15  O  OG1 . THR A 1 4  ? 2.614   7.945   -10.450 1.00 30.04 ? 4   THR A OG1 1 
ATOM   16  C  CG2 . THR A 1 4  ? 1.245   6.473   -11.775 1.00 30.38 ? 4   THR A CG2 1 
ATOM   17  N  N   . LEU A 1 5  ? 0.886   7.690   -7.582  1.00 23.00 ? 5   LEU A N   1 
ATOM   18  C  CA  . LEU A 1 5  ? 1.215   8.180   -6.245  1.00 20.75 ? 5   LEU A CA  1 
ATOM   19  C  C   . LEU A 1 5  ? 2.635   7.786   -5.875  1.00 21.04 ? 5   LEU A C   1 
ATOM   20  O  O   . LEU A 1 5  ? 2.931   6.605   -5.739  1.00 19.87 ? 5   LEU A O   1 
ATOM   21  C  CB  . LEU A 1 5  ? 0.253   7.586   -5.219  1.00 22.80 ? 5   LEU A CB  1 
ATOM   22  C  CG  . LEU A 1 5  ? -1.206  8.035   -5.274  1.00 23.29 ? 5   LEU A CG  1 
ATOM   23  C  CD1 . LEU A 1 5  ? -2.055  7.134   -4.378  1.00 23.30 ? 5   LEU A CD1 1 
ATOM   24  C  CD2 . LEU A 1 5  ? -1.300  9.480   -4.843  1.00 23.89 ? 5   LEU A CD2 1 
ATOM   25  N  N   . CYS A 1 6  ? 3.503   8.773   -5.695  1.00 22.34 ? 6   CYS A N   1 
ATOM   26  C  CA  . CYS A 1 6  ? 4.886   8.491   -5.337  1.00 23.49 ? 6   CYS A CA  1 
ATOM   27  C  C   . CYS A 1 6  ? 5.346   9.339   -4.161  1.00 21.36 ? 6   CYS A C   1 
ATOM   28  O  O   . CYS A 1 6  ? 4.757   10.371  -3.862  1.00 21.75 ? 6   CYS A O   1 
ATOM   29  C  CB  . CYS A 1 6  ? 5.812   8.773   -6.518  1.00 25.95 ? 6   CYS A CB  1 
ATOM   30  S  SG  . CYS A 1 6  ? 5.478   7.831   -8.044  1.00 32.41 ? 6   CYS A SG  1 
ATOM   31  N  N   . GLY A 1 7  ? 6.413   8.892   -3.506  1.00 22.02 ? 7   GLY A N   1 
ATOM   32  C  CA  . GLY A 1 7  ? 6.969   9.636   -2.390  1.00 21.33 ? 7   GLY A CA  1 
ATOM   33  C  C   . GLY A 1 7  ? 5.986   10.069  -1.322  1.00 19.79 ? 7   GLY A C   1 
ATOM   34  O  O   . GLY A 1 7  ? 5.198   9.262   -0.835  1.00 19.16 ? 7   GLY A O   1 
ATOM   35  N  N   . ALA A 1 8  ? 6.037   11.346  -0.954  1.00 18.95 ? 8   ALA A N   1 
ATOM   36  C  CA  . ALA A 1 8  ? 5.164   11.886  0.080   1.00 19.05 ? 8   ALA A CA  1 
ATOM   37  C  C   . ALA A 1 8  ? 3.682   11.762  -0.260  1.00 19.49 ? 8   ALA A C   1 
ATOM   38  O  O   . ALA A 1 8  ? 2.857   11.565  0.632   1.00 17.58 ? 8   ALA A O   1 
ATOM   39  C  CB  . ALA A 1 8  ? 5.510   13.349  0.345   1.00 21.91 ? 8   ALA A CB  1 
ATOM   40  N  N   . GLU A 1 9  ? 3.345   11.897  -1.540  1.00 19.90 ? 9   GLU A N   1 
ATOM   41  C  CA  . GLU A 1 9  ? 1.948   11.786  -1.958  1.00 22.32 ? 9   GLU A CA  1 
ATOM   42  C  C   . GLU A 1 9  ? 1.412   10.394  -1.652  1.00 20.10 ? 9   GLU A C   1 
ATOM   43  O  O   . GLU A 1 9  ? 0.254   10.235  -1.259  1.00 18.44 ? 9   GLU A O   1 
ATOM   44  C  CB  . GLU A 1 9  ? 1.804   12.076  -3.458  1.00 23.26 ? 9   GLU A CB  1 
ATOM   45  C  CG  . GLU A 1 9  ? 1.871   13.551  -3.818  1.00 33.59 ? 9   GLU A CG  1 
ATOM   46  C  CD  . GLU A 1 9  ? 1.802   13.799  -5.322  1.00 40.51 ? 9   GLU A CD  1 
ATOM   47  O  OE1 . GLU A 1 9  ? 0.870   13.280  -5.983  1.00 41.76 ? 9   GLU A OE1 1 
ATOM   48  O  OE2 . GLU A 1 9  ? 2.680   14.523  -5.840  1.00 46.41 ? 9   GLU A OE2 1 
ATOM   49  N  N   . LEU A 1 10 ? 2.265   9.390   -1.833  1.00 18.27 ? 10  LEU A N   1 
ATOM   50  C  CA  . LEU A 1 10 ? 1.901   8.003   -1.592  1.00 19.45 ? 10  LEU A CA  1 
ATOM   51  C  C   . LEU A 1 10 ? 1.706   7.769   -0.106  1.00 18.61 ? 10  LEU A C   1 
ATOM   52  O  O   . LEU A 1 10 ? 0.770   7.095   0.294   1.00 18.14 ? 10  LEU A O   1 
ATOM   53  C  CB  . LEU A 1 10 ? 2.985   7.057   -2.127  1.00 17.40 ? 10  LEU A CB  1 
ATOM   54  C  CG  . LEU A 1 10 ? 2.788   5.558   -1.869  1.00 17.55 ? 10  LEU A CG  1 
ATOM   55  C  CD1 . LEU A 1 10 ? 1.472   5.100   -2.493  1.00 19.10 ? 10  LEU A CD1 1 
ATOM   56  C  CD2 . LEU A 1 10 ? 3.959   4.772   -2.452  1.00 20.59 ? 10  LEU A CD2 1 
ATOM   57  N  N   . VAL A 1 11 ? 2.595   8.331   0.706   1.00 18.70 ? 11  VAL A N   1 
ATOM   58  C  CA  . VAL A 1 11 ? 2.498   8.179   2.150   1.00 16.93 ? 11  VAL A CA  1 
ATOM   59  C  C   . VAL A 1 11 ? 1.258   8.892   2.678   1.00 16.76 ? 11  VAL A C   1 
ATOM   60  O  O   . VAL A 1 11 ? 0.571   8.362   3.559   1.00 15.91 ? 11  VAL A O   1 
ATOM   61  C  CB  . VAL A 1 11 ? 3.757   8.730   2.855   1.00 18.06 ? 11  VAL A CB  1 
ATOM   62  C  CG1 . VAL A 1 11 ? 3.604   8.614   4.366   1.00 18.45 ? 11  VAL A CG1 1 
ATOM   63  C  CG2 . VAL A 1 11 ? 4.983   7.940   2.400   1.00 19.40 ? 11  VAL A CG2 1 
ATOM   64  N  N   . ASP A 1 12 ? 0.967   10.081  2.144   1.00 17.21 ? 12  ASP A N   1 
ATOM   65  C  CA  . ASP A 1 12 ? -0.227  10.835  2.554   1.00 18.82 ? 12  ASP A CA  1 
ATOM   66  C  C   . ASP A 1 12 ? -1.466  9.986   2.270   1.00 17.00 ? 12  ASP A C   1 
ATOM   67  O  O   . ASP A 1 12 ? -2.371  9.895   3.094   1.00 16.81 ? 12  ASP A O   1 
ATOM   68  C  CB  . ASP A 1 12 ? -0.398  12.145  1.761   1.00 20.21 ? 12  ASP A CB  1 
ATOM   69  C  CG  . ASP A 1 12 ? 0.440   13.299  2.296   1.00 28.80 ? 12  ASP A CG  1 
ATOM   70  O  OD1 . ASP A 1 12 ? 0.571   13.448  3.525   1.00 30.36 ? 12  ASP A OD1 1 
ATOM   71  O  OD2 . ASP A 1 12 ? 0.939   14.089  1.465   1.00 32.22 ? 12  ASP A OD2 1 
ATOM   72  N  N   . ALA A 1 13 ? -1.512  9.381   1.088   1.00 17.79 ? 13  ALA A N   1 
ATOM   73  C  CA  . ALA A 1 13 ? -2.663  8.562   0.707   1.00 16.89 ? 13  ALA A CA  1 
ATOM   74  C  C   . ALA A 1 13 ? -2.836  7.382   1.642   1.00 14.97 ? 13  ALA A C   1 
ATOM   75  O  O   . ALA A 1 13 ? -3.946  7.072   2.059   1.00 17.49 ? 13  ALA A O   1 
ATOM   76  C  CB  . ALA A 1 13 ? -2.519  8.066   -0.744  1.00 14.93 ? 13  ALA A CB  1 
ATOM   77  N  N   . LEU A 1 14 ? -1.736  6.719   1.977   1.00 15.67 ? 14  LEU A N   1 
ATOM   78  C  CA  . LEU A 1 14 ? -1.804  5.576   2.875   1.00 18.93 ? 14  LEU A CA  1 
ATOM   79  C  C   . LEU A 1 14 ? -2.245  5.982   4.273   1.00 18.34 ? 14  LEU A C   1 
ATOM   80  O  O   . LEU A 1 14 ? -3.049  5.290   4.896   1.00 20.26 ? 14  LEU A O   1 
ATOM   81  C  CB  . LEU A 1 14 ? -0.449  4.877   2.942   1.00 18.87 ? 14  LEU A CB  1 
ATOM   82  C  CG  . LEU A 1 14 ? -0.110  4.096   1.672   1.00 21.41 ? 14  LEU A CG  1 
ATOM   83  C  CD1 . LEU A 1 14 ? 1.357   3.689   1.703   1.00 21.95 ? 14  LEU A CD1 1 
ATOM   84  C  CD2 . LEU A 1 14 ? -1.017  2.877   1.561   1.00 23.31 ? 14  LEU A CD2 1 
ATOM   85  N  N   . GLN A 1 15 ? -1.715  7.091   4.776   1.00 18.83 ? 15  GLN A N   1 
ATOM   86  C  CA  . GLN A 1 15 ? -2.094  7.539   6.116   1.00 20.82 ? 15  GLN A CA  1 
ATOM   87  C  C   . GLN A 1 15 ? -3.579  7.875   6.156   1.00 20.67 ? 15  GLN A C   1 
ATOM   88  O  O   . GLN A 1 15 ? -4.252  7.621   7.148   1.00 21.67 ? 15  GLN A O   1 
ATOM   89  C  CB  . GLN A 1 15 ? -1.266  8.759   6.546   1.00 23.04 ? 15  GLN A CB  1 
ATOM   90  C  CG  . GLN A 1 15 ? 0.237   8.499   6.574   1.00 27.53 ? 15  GLN A CG  1 
ATOM   91  C  CD  . GLN A 1 15 ? 1.031   9.663   7.149   1.00 32.52 ? 15  GLN A CD  1 
ATOM   92  O  OE1 . GLN A 1 15 ? 1.291   9.720   8.348   1.00 37.34 ? 15  GLN A OE1 1 
ATOM   93  N  NE2 . GLN A 1 15 ? 1.413   10.598  6.292   1.00 34.41 ? 15  GLN A NE2 1 
ATOM   94  N  N   . PHE A 1 16 ? -4.095  8.439   5.072   1.00 21.19 ? 16  PHE A N   1 
ATOM   95  C  CA  . PHE A 1 16 ? -5.509  8.794   5.025   1.00 20.83 ? 16  PHE A CA  1 
ATOM   96  C  C   . PHE A 1 16 ? -6.404  7.563   4.911   1.00 21.49 ? 16  PHE A C   1 
ATOM   97  O  O   . PHE A 1 16 ? -7.382  7.416   5.656   1.00 21.46 ? 16  PHE A O   1 
ATOM   98  C  CB  . PHE A 1 16 ? -5.793  9.719   3.844   1.00 21.79 ? 16  PHE A CB  1 
ATOM   99  C  CG  . PHE A 1 16 ? -7.219  10.190  3.786   1.00 23.48 ? 16  PHE A CG  1 
ATOM   100 C  CD1 . PHE A 1 16 ? -7.663  11.193  4.640   1.00 26.61 ? 16  PHE A CD1 1 
ATOM   101 C  CD2 . PHE A 1 16 ? -8.129  9.601   2.911   1.00 24.91 ? 16  PHE A CD2 1 
ATOM   102 C  CE1 . PHE A 1 16 ? -8.999  11.609  4.629   1.00 27.63 ? 16  PHE A CE1 1 
ATOM   103 C  CE2 . PHE A 1 16 ? -9.468  10.003  2.887   1.00 25.43 ? 16  PHE A CE2 1 
ATOM   104 C  CZ  . PHE A 1 16 ? -9.904  11.012  3.749   1.00 27.34 ? 16  PHE A CZ  1 
ATOM   105 N  N   . VAL A 1 17 ? -6.071  6.677   3.976   1.00 20.63 ? 17  VAL A N   1 
ATOM   106 C  CA  . VAL A 1 17 ? -6.857  5.468   3.758   1.00 22.47 ? 17  VAL A CA  1 
ATOM   107 C  C   . VAL A 1 17 ? -6.750  4.450   4.892   1.00 23.97 ? 17  VAL A C   1 
ATOM   108 O  O   . VAL A 1 17 ? -7.740  3.820   5.274   1.00 24.72 ? 17  VAL A O   1 
ATOM   109 C  CB  . VAL A 1 17 ? -6.447  4.776   2.429   1.00 23.54 ? 17  VAL A CB  1 
ATOM   110 C  CG1 . VAL A 1 17 ? -7.104  3.403   2.313   1.00 23.66 ? 17  VAL A CG1 1 
ATOM   111 C  CG2 . VAL A 1 17 ? -6.846  5.646   1.258   1.00 22.83 ? 17  VAL A CG2 1 
ATOM   112 N  N   . CYS A 1 18 ? -5.558  4.292   5.448   1.00 23.54 ? 18  CYS A N   1 
ATOM   113 C  CA  . CYS A 1 18 ? -5.380  3.308   6.503   1.00 26.98 ? 18  CYS A CA  1 
ATOM   114 C  C   . CYS A 1 18 ? -5.755  3.809   7.894   1.00 28.88 ? 18  CYS A C   1 
ATOM   115 O  O   . CYS A 1 18 ? -5.970  3.014   8.810   1.00 28.42 ? 18  CYS A O   1 
ATOM   116 C  CB  . CYS A 1 18 ? -3.942  2.807   6.493   1.00 24.14 ? 18  CYS A CB  1 
ATOM   117 S  SG  . CYS A 1 18 ? -3.439  2.066   4.911   1.00 25.19 ? 18  CYS A SG  1 
ATOM   118 N  N   . GLY A 1 19 ? -5.839  5.124   8.047   1.00 32.48 ? 19  GLY A N   1 
ATOM   119 C  CA  . GLY A 1 19 ? -6.191  5.692   9.334   1.00 36.05 ? 19  GLY A CA  1 
ATOM   120 C  C   . GLY A 1 19 ? -5.170  5.348   10.397  1.00 39.06 ? 19  GLY A C   1 
ATOM   121 O  O   . GLY A 1 19 ? -3.994  5.681   10.258  1.00 40.69 ? 19  GLY A O   1 
ATOM   122 N  N   . ASP A 1 20 ? -5.610  4.668   11.452  1.00 40.39 ? 20  ASP A N   1 
ATOM   123 C  CA  . ASP A 1 20 ? -4.722  4.293   12.547  1.00 41.55 ? 20  ASP A CA  1 
ATOM   124 C  C   . ASP A 1 20 ? -4.137  2.890   12.425  1.00 39.89 ? 20  ASP A C   1 
ATOM   125 O  O   . ASP A 1 20 ? -3.305  2.488   13.238  1.00 39.78 ? 20  ASP A O   1 
ATOM   126 C  CB  . ASP A 1 20 ? -5.462  4.418   13.877  1.00 46.52 ? 20  ASP A CB  1 
ATOM   127 C  CG  . ASP A 1 20 ? -6.042  5.798   14.086  1.00 50.03 ? 20  ASP A CG  1 
ATOM   128 O  OD1 . ASP A 1 20 ? -5.269  6.778   14.030  1.00 54.04 ? 20  ASP A OD1 1 
ATOM   129 O  OD2 . ASP A 1 20 ? -7.268  5.904   14.305  1.00 51.23 ? 20  ASP A OD2 1 
ATOM   130 N  N   . ARG A 1 21 ? -4.564  2.148   11.411  1.00 37.36 ? 21  ARG A N   1 
ATOM   131 C  CA  . ARG A 1 21 ? -4.071  0.792   11.205  1.00 36.71 ? 21  ARG A CA  1 
ATOM   132 C  C   . ARG A 1 21 ? -2.584  0.691   10.888  1.00 36.07 ? 21  ARG A C   1 
ATOM   133 O  O   . ARG A 1 21 ? -1.919  -0.250  11.318  1.00 38.35 ? 21  ARG A O   1 
ATOM   134 C  CB  . ARG A 1 21 ? -4.852  0.113   10.079  1.00 37.93 ? 21  ARG A CB  1 
ATOM   135 C  CG  . ARG A 1 21 ? -6.239  -0.359  10.469  1.00 38.93 ? 21  ARG A CG  1 
ATOM   136 C  CD  . ARG A 1 21 ? -6.955  -0.934  9.257   1.00 40.09 ? 21  ARG A CD  1 
ATOM   137 N  NE  . ARG A 1 21 ? -7.267  0.102   8.278   1.00 40.40 ? 21  ARG A NE  1 
ATOM   138 C  CZ  . ARG A 1 21 ? -7.723  -0.136  7.051   1.00 40.98 ? 21  ARG A CZ  1 
ATOM   139 N  NH1 . ARG A 1 21 ? -7.918  -1.381  6.641   1.00 37.76 ? 21  ARG A NH1 1 
ATOM   140 N  NH2 . ARG A 1 21 ? -8.000  0.876   6.238   1.00 41.13 ? 21  ARG A NH2 1 
ATOM   141 N  N   . GLY A 1 22 ? -2.059  1.658   10.150  1.00 33.95 ? 22  GLY A N   1 
ATOM   142 C  CA  . GLY A 1 22 ? -0.660  1.586   9.767   1.00 29.91 ? 22  GLY A CA  1 
ATOM   143 C  C   . GLY A 1 22 ? -0.632  0.930   8.399   1.00 27.04 ? 22  GLY A C   1 
ATOM   144 O  O   . GLY A 1 22 ? -1.654  0.417   7.949   1.00 25.69 ? 22  GLY A O   1 
ATOM   145 N  N   . PHE A 1 23 ? 0.522   0.926   7.740   1.00 22.68 ? 23  PHE A N   1 
ATOM   146 C  CA  . PHE A 1 23 ? 0.623   0.355   6.404   1.00 23.59 ? 23  PHE A CA  1 
ATOM   147 C  C   . PHE A 1 23 ? 2.006   -0.197  6.121   1.00 23.23 ? 23  PHE A C   1 
ATOM   148 O  O   . PHE A 1 23 ? 2.960   0.097   6.837   1.00 24.90 ? 23  PHE A O   1 
ATOM   149 C  CB  . PHE A 1 23 ? 0.331   1.440   5.368   1.00 24.18 ? 23  PHE A CB  1 
ATOM   150 C  CG  . PHE A 1 23 ? 1.175   2.675   5.544   1.00 24.77 ? 23  PHE A CG  1 
ATOM   151 C  CD1 . PHE A 1 23 ? 0.792   3.672   6.436   1.00 27.93 ? 23  PHE A CD1 1 
ATOM   152 C  CD2 . PHE A 1 23 ? 2.382   2.810   4.868   1.00 24.98 ? 23  PHE A CD2 1 
ATOM   153 C  CE1 . PHE A 1 23 ? 1.602   4.793   6.657   1.00 28.52 ? 23  PHE A CE1 1 
ATOM   154 C  CE2 . PHE A 1 23 ? 3.201   3.919   5.076   1.00 27.48 ? 23  PHE A CE2 1 
ATOM   155 C  CZ  . PHE A 1 23 ? 2.811   4.915   5.975   1.00 29.68 ? 23  PHE A CZ  1 
ATOM   156 N  N   . TYR A 1 24 ? 2.113   -1.002  5.069   1.00 23.62 ? 24  TYR A N   1 
ATOM   157 C  CA  . TYR A 1 24 ? 3.406   -1.531  4.676   1.00 26.49 ? 24  TYR A CA  1 
ATOM   158 C  C   . TYR A 1 24 ? 3.625   -1.289  3.195   1.00 26.55 ? 24  TYR A C   1 
ATOM   159 O  O   . TYR A 1 24 ? 2.684   -0.996  2.455   1.00 27.51 ? 24  TYR A O   1 
ATOM   160 C  CB  . TYR A 1 24 ? 3.546   -3.031  4.981   1.00 32.44 ? 24  TYR A CB  1 
ATOM   161 C  CG  . TYR A 1 24 ? 2.268   -3.797  5.209   1.00 33.96 ? 24  TYR A CG  1 
ATOM   162 C  CD1 . TYR A 1 24 ? 1.829   -4.087  6.501   1.00 39.32 ? 24  TYR A CD1 1 
ATOM   163 C  CD2 . TYR A 1 24 ? 1.522   -4.280  4.136   1.00 37.96 ? 24  TYR A CD2 1 
ATOM   164 C  CE1 . TYR A 1 24 ? 0.679   -4.848  6.720   1.00 39.45 ? 24  TYR A CE1 1 
ATOM   165 C  CE2 . TYR A 1 24 ? 0.371   -5.038  4.343   1.00 39.66 ? 24  TYR A CE2 1 
ATOM   166 C  CZ  . TYR A 1 24 ? -0.042  -5.318  5.638   1.00 41.60 ? 24  TYR A CZ  1 
ATOM   167 O  OH  . TYR A 1 24 ? -1.174  -6.074  5.851   1.00 44.95 ? 24  TYR A OH  1 
ATOM   168 N  N   . PHE A 1 25 ? 4.875   -1.387  2.765   1.00 24.85 ? 25  PHE A N   1 
ATOM   169 C  CA  . PHE A 1 25 ? 5.191   -1.192  1.365   1.00 26.17 ? 25  PHE A CA  1 
ATOM   170 C  C   . PHE A 1 25 ? 5.172   -2.524  0.639   1.00 28.04 ? 25  PHE A C   1 
ATOM   171 O  O   . PHE A 1 25 ? 4.978   -2.578  -0.571  1.00 25.14 ? 25  PHE A O   1 
ATOM   172 C  CB  . PHE A 1 25 ? 6.549   -0.514  1.224   1.00 26.44 ? 25  PHE A CB  1 
ATOM   173 C  CG  . PHE A 1 25 ? 6.537   0.911   1.667   1.00 28.31 ? 25  PHE A CG  1 
ATOM   174 C  CD1 . PHE A 1 25 ? 6.565   1.234   3.018   1.00 29.24 ? 25  PHE A CD1 1 
ATOM   175 C  CD2 . PHE A 1 25 ? 6.405   1.930   0.736   1.00 29.24 ? 25  PHE A CD2 1 
ATOM   176 C  CE1 . PHE A 1 25 ? 6.455   2.558   3.435   1.00 30.62 ? 25  PHE A CE1 1 
ATOM   177 C  CE2 . PHE A 1 25 ? 6.294   3.257   1.142   1.00 32.10 ? 25  PHE A CE2 1 
ATOM   178 C  CZ  . PHE A 1 25 ? 6.318   3.570   2.493   1.00 31.07 ? 25  PHE A CZ  1 
ATOM   179 N  N   . ASN A 1 26 ? 5.363   -3.594  1.400   1.00 29.92 ? 26  ASN A N   1 
ATOM   180 C  CA  . ASN A 1 26 ? 5.356   -4.943  0.853   1.00 32.13 ? 26  ASN A CA  1 
ATOM   181 C  C   . ASN A 1 26 ? 4.533   -5.822  1.788   1.00 32.29 ? 26  ASN A C   1 
ATOM   182 O  O   . ASN A 1 26 ? 4.741   -5.818  2.999   1.00 29.79 ? 26  ASN A O   1 
ATOM   183 C  CB  . ASN A 1 26 ? 6.787   -5.482  0.733   1.00 34.82 ? 26  ASN A CB  1 
ATOM   184 C  CG  . ASN A 1 26 ? 7.655   -4.638  -0.192  1.00 36.75 ? 26  ASN A CG  1 
ATOM   185 O  OD1 . ASN A 1 26 ? 8.228   -3.628  0.219   1.00 40.47 ? 26  ASN A OD1 1 
ATOM   186 N  ND2 . ASN A 1 26 ? 7.739   -5.042  -1.452  1.00 37.72 ? 26  ASN A ND2 1 
ATOM   187 N  N   . LYS A 1 27 ? 3.589   -6.568  1.226   1.00 34.64 ? 27  LYS A N   1 
ATOM   188 C  CA  . LYS A 1 27 ? 2.734   -7.435  2.030   1.00 38.05 ? 27  LYS A CA  1 
ATOM   189 C  C   . LYS A 1 27 ? 3.532   -8.582  2.638   1.00 39.00 ? 27  LYS A C   1 
ATOM   190 O  O   . LYS A 1 27 ? 4.192   -9.331  1.921   1.00 38.61 ? 27  LYS A O   1 
ATOM   191 C  CB  . LYS A 1 27 ? 1.603   -7.994  1.161   1.00 40.32 ? 27  LYS A CB  1 
ATOM   192 C  CG  . LYS A 1 27 ? 0.766   -6.919  0.488   1.00 41.22 ? 27  LYS A CG  1 
ATOM   193 C  CD  . LYS A 1 27 ? -0.230  -7.511  -0.491  1.00 43.57 ? 27  LYS A CD  1 
ATOM   194 C  CE  . LYS A 1 27 ? -1.029  -6.412  -1.173  1.00 43.55 ? 27  LYS A CE  1 
ATOM   195 N  NZ  . LYS A 1 27 ? -1.943  -6.940  -2.224  1.00 46.75 ? 27  LYS A NZ  1 
ATOM   196 N  N   . PRO A 1 28 ? 3.489   -8.732  3.973   1.00 40.77 ? 28  PRO A N   1 
ATOM   197 C  CA  . PRO A 1 28 ? 4.232   -9.820  4.623   1.00 41.46 ? 28  PRO A CA  1 
ATOM   198 C  C   . PRO A 1 28 ? 3.820   -11.170 4.036   1.00 41.41 ? 28  PRO A C   1 
ATOM   199 O  O   . PRO A 1 28 ? 2.670   -11.351 3.630   1.00 41.34 ? 28  PRO A O   1 
ATOM   200 C  CB  . PRO A 1 28 ? 3.849   -9.671  6.095   1.00 42.12 ? 28  PRO A CB  1 
ATOM   201 C  CG  . PRO A 1 28 ? 2.470   -9.066  6.029   1.00 43.88 ? 28  PRO A CG  1 
ATOM   202 C  CD  . PRO A 1 28 ? 2.633   -8.027  4.943   1.00 41.35 ? 28  PRO A CD  1 
ATOM   203 N  N   . THR A 1 29 ? 4.755   -12.110 3.986   1.00 41.02 ? 29  THR A N   1 
ATOM   204 C  CA  . THR A 1 29 ? 4.470   -13.424 3.421   1.00 42.00 ? 29  THR A CA  1 
ATOM   205 C  C   . THR A 1 29 ? 3.917   -14.432 4.431   1.00 40.17 ? 29  THR A C   1 
ATOM   206 O  O   . THR A 1 29 ? 3.117   -15.300 4.078   1.00 38.89 ? 29  THR A O   1 
ATOM   207 C  CB  . THR A 1 29 ? 5.731   -14.027 2.766   1.00 43.18 ? 29  THR A CB  1 
ATOM   208 O  OG1 . THR A 1 29 ? 6.749   -14.207 3.759   1.00 45.44 ? 29  THR A OG1 1 
ATOM   209 C  CG2 . THR A 1 29 ? 6.254   -13.102 1.675   1.00 44.24 ? 29  THR A CG2 1 
ATOM   210 N  N   . GLY A 1 30 ? 4.341   -14.313 5.685   1.00 38.89 ? 30  GLY A N   1 
ATOM   211 C  CA  . GLY A 1 30 ? 3.877   -15.237 6.707   1.00 37.18 ? 30  GLY A CA  1 
ATOM   212 C  C   . GLY A 1 30 ? 4.470   -16.624 6.523   1.00 35.73 ? 30  GLY A C   1 
ATOM   213 O  O   . GLY A 1 30 ? 5.005   -16.942 5.460   1.00 35.86 ? 30  GLY A O   1 
ATOM   214 N  N   . TYR A 1 31 ? 4.377   -17.456 7.553   1.00 31.62 ? 31  TYR A N   1 
ATOM   215 C  CA  . TYR A 1 31 ? 4.922   -18.806 7.477   1.00 30.08 ? 31  TYR A CA  1 
ATOM   216 C  C   . TYR A 1 31 ? 4.038   -19.746 6.668   1.00 31.39 ? 31  TYR A C   1 
ATOM   217 O  O   . TYR A 1 31 ? 2.831   -19.537 6.554   1.00 29.43 ? 31  TYR A O   1 
ATOM   218 C  CB  . TYR A 1 31 ? 5.109   -19.389 8.880   1.00 26.76 ? 31  TYR A CB  1 
ATOM   219 C  CG  . TYR A 1 31 ? 6.101   -18.642 9.734   1.00 26.37 ? 31  TYR A CG  1 
ATOM   220 C  CD1 . TYR A 1 31 ? 5.679   -17.707 10.669  1.00 26.05 ? 31  TYR A CD1 1 
ATOM   221 C  CD2 . TYR A 1 31 ? 7.469   -18.863 9.599   1.00 27.14 ? 31  TYR A CD2 1 
ATOM   222 C  CE1 . TYR A 1 31 ? 6.593   -17.007 11.450  1.00 28.48 ? 31  TYR A CE1 1 
ATOM   223 C  CE2 . TYR A 1 31 ? 8.389   -18.174 10.375  1.00 29.24 ? 31  TYR A CE2 1 
ATOM   224 C  CZ  . TYR A 1 31 ? 7.946   -17.247 11.296  1.00 28.34 ? 31  TYR A CZ  1 
ATOM   225 O  OH  . TYR A 1 31 ? 8.861   -16.561 12.056  1.00 32.75 ? 31  TYR A OH  1 
ATOM   226 N  N   . GLY A 1 32 ? 4.657   -20.780 6.108   1.00 33.05 ? 32  GLY A N   1 
ATOM   227 C  CA  . GLY A 1 32 ? 3.923   -21.763 5.334   1.00 37.43 ? 32  GLY A CA  1 
ATOM   228 C  C   . GLY A 1 32 ? 3.160   -21.227 4.139   1.00 40.27 ? 32  GLY A C   1 
ATOM   229 O  O   . GLY A 1 32 ? 2.141   -21.793 3.749   1.00 40.33 ? 32  GLY A O   1 
ATOM   230 N  N   . SER A 1 33 ? 3.650   -20.143 3.550   1.00 43.22 ? 33  SER A N   1 
ATOM   231 C  CA  . SER A 1 33 ? 2.988   -19.559 2.394   1.00 46.19 ? 33  SER A CA  1 
ATOM   232 C  C   . SER A 1 33 ? 3.300   -20.380 1.147   1.00 48.28 ? 33  SER A C   1 
ATOM   233 O  O   . SER A 1 33 ? 4.313   -21.083 1.090   1.00 48.24 ? 33  SER A O   1 
ATOM   234 C  CB  . SER A 1 33 ? 3.447   -18.115 2.190   1.00 46.55 ? 33  SER A CB  1 
ATOM   235 O  OG  . SER A 1 33 ? 2.772   -17.523 1.095   1.00 49.41 ? 33  SER A OG  1 
ATOM   236 N  N   . SER A 1 34 ? 2.419   -20.293 0.155   1.00 50.05 ? 34  SER A N   1 
ATOM   237 C  CA  . SER A 1 34 ? 2.592   -21.021 -1.095  1.00 51.50 ? 34  SER A CA  1 
ATOM   238 C  C   . SER A 1 34 ? 2.369   -20.078 -2.271  1.00 52.40 ? 34  SER A C   1 
ATOM   239 O  O   . SER A 1 34 ? 1.271   -19.552 -2.454  1.00 52.95 ? 34  SER A O   1 
ATOM   240 C  CB  . SER A 1 34 ? 1.599   -22.183 -1.177  1.00 52.60 ? 34  SER A CB  1 
ATOM   241 O  OG  . SER A 1 34 ? 1.774   -23.094 -0.104  1.00 53.91 ? 34  SER A OG  1 
ATOM   242 N  N   . THR A 1 41 ? 6.507   -8.096  -5.712  1.00 44.38 ? 41  THR A N   1 
ATOM   243 C  CA  . THR A 1 41 ? 6.619   -6.643  -5.757  1.00 43.56 ? 41  THR A CA  1 
ATOM   244 C  C   . THR A 1 41 ? 5.990   -5.974  -4.537  1.00 40.79 ? 41  THR A C   1 
ATOM   245 O  O   . THR A 1 41 ? 5.732   -6.617  -3.516  1.00 41.76 ? 41  THR A O   1 
ATOM   246 C  CB  . THR A 1 41 ? 5.942   -6.074  -7.013  1.00 45.36 ? 41  THR A CB  1 
ATOM   247 O  OG1 . THR A 1 41 ? 4.594   -6.555  -7.088  1.00 47.98 ? 41  THR A OG1 1 
ATOM   248 C  CG2 . THR A 1 41 ? 6.704   -6.485  -8.261  1.00 46.93 ? 41  THR A CG2 1 
ATOM   249 N  N   . GLY A 1 42 ? 5.748   -4.674  -4.653  1.00 36.62 ? 42  GLY A N   1 
ATOM   250 C  CA  . GLY A 1 42 ? 5.154   -3.933  -3.558  1.00 31.50 ? 42  GLY A CA  1 
ATOM   251 C  C   . GLY A 1 42 ? 4.318   -2.772  -4.051  1.00 26.80 ? 42  GLY A C   1 
ATOM   252 O  O   . GLY A 1 42 ? 4.043   -2.656  -5.242  1.00 24.51 ? 42  GLY A O   1 
ATOM   253 N  N   . ILE A 1 43 ? 3.924   -1.897  -3.135  1.00 24.75 ? 43  ILE A N   1 
ATOM   254 C  CA  . ILE A 1 43 ? 3.093   -0.756  -3.493  1.00 23.99 ? 43  ILE A CA  1 
ATOM   255 C  C   . ILE A 1 43 ? 3.758   0.233   -4.442  1.00 23.68 ? 43  ILE A C   1 
ATOM   256 O  O   . ILE A 1 43 ? 3.077   0.867   -5.248  1.00 22.52 ? 43  ILE A O   1 
ATOM   257 C  CB  . ILE A 1 43 ? 2.607   -0.001  -2.232  1.00 23.42 ? 43  ILE A CB  1 
ATOM   258 C  CG1 . ILE A 1 43 ? 1.500   0.984   -2.616  1.00 25.45 ? 43  ILE A CG1 1 
ATOM   259 C  CG2 . ILE A 1 43 ? 3.772   0.743   -1.581  1.00 25.31 ? 43  ILE A CG2 1 
ATOM   260 C  CD1 . ILE A 1 43 ? 0.815   1.626   -1.430  1.00 27.38 ? 43  ILE A CD1 1 
ATOM   261 N  N   . VAL A 1 44 ? 5.079   0.375   -4.365  1.00 22.27 ? 44  VAL A N   1 
ATOM   262 C  CA  . VAL A 1 44 ? 5.746   1.305   -5.262  1.00 22.92 ? 44  VAL A CA  1 
ATOM   263 C  C   . VAL A 1 44 ? 5.587   0.813   -6.702  1.00 22.53 ? 44  VAL A C   1 
ATOM   264 O  O   . VAL A 1 44 ? 5.313   1.598   -7.600  1.00 21.49 ? 44  VAL A O   1 
ATOM   265 C  CB  . VAL A 1 44 ? 7.246   1.456   -4.929  1.00 25.71 ? 44  VAL A CB  1 
ATOM   266 C  CG1 . VAL A 1 44 ? 7.912   2.379   -5.946  1.00 26.68 ? 44  VAL A CG1 1 
ATOM   267 C  CG2 . VAL A 1 44 ? 7.412   2.021   -3.518  1.00 27.10 ? 44  VAL A CG2 1 
ATOM   268 N  N   . ASP A 1 45 ? 5.740   -0.494  -6.898  1.00 23.57 ? 45  ASP A N   1 
ATOM   269 C  CA  . ASP A 1 45 ? 5.612   -1.113  -8.217  1.00 25.68 ? 45  ASP A CA  1 
ATOM   270 C  C   . ASP A 1 45 ? 4.188   -0.967  -8.749  1.00 25.35 ? 45  ASP A C   1 
ATOM   271 O  O   . ASP A 1 45 ? 3.964   -0.644  -9.916  1.00 25.08 ? 45  ASP A O   1 
ATOM   272 C  CB  . ASP A 1 45 ? 5.930   -2.610  -8.130  1.00 28.33 ? 45  ASP A CB  1 
ATOM   273 C  CG  . ASP A 1 45 ? 7.291   -2.891  -7.517  1.00 33.31 ? 45  ASP A CG  1 
ATOM   274 O  OD1 . ASP A 1 45 ? 8.289   -2.897  -8.264  1.00 33.73 ? 45  ASP A OD1 1 
ATOM   275 O  OD2 . ASP A 1 45 ? 7.362   -3.100  -6.284  1.00 33.81 ? 45  ASP A OD2 1 
ATOM   276 N  N   . GLU A 1 46 ? 3.227   -1.205  -7.868  1.00 25.17 ? 46  GLU A N   1 
ATOM   277 C  CA  . GLU A 1 46 ? 1.819   -1.171  -8.229  1.00 25.18 ? 46  GLU A CA  1 
ATOM   278 C  C   . GLU A 1 46 ? 1.159   0.201   -8.312  1.00 25.24 ? 46  GLU A C   1 
ATOM   279 O  O   . GLU A 1 46 ? 0.328   0.429   -9.194  1.00 22.77 ? 46  GLU A O   1 
ATOM   280 C  CB  . GLU A 1 46 ? 1.061   -2.070  -7.245  1.00 27.92 ? 46  GLU A CB  1 
ATOM   281 C  CG  . GLU A 1 46 ? -0.443  -2.156  -7.426  1.00 32.79 ? 46  GLU A CG  1 
ATOM   282 C  CD  . GLU A 1 46 ? -1.039  -3.341  -6.683  1.00 33.57 ? 46  GLU A CD  1 
ATOM   283 O  OE1 . GLU A 1 46 ? -0.534  -3.669  -5.589  1.00 34.85 ? 46  GLU A OE1 1 
ATOM   284 O  OE2 . GLU A 1 46 ? -2.015  -3.942  -7.183  1.00 38.92 ? 46  GLU A OE2 1 
ATOM   285 N  N   . CYS A 1 47 ? 1.553   1.115   -7.424  1.00 23.11 ? 47  CYS A N   1 
ATOM   286 C  CA  . CYS A 1 47 ? 0.940   2.438   -7.358  1.00 22.91 ? 47  CYS A CA  1 
ATOM   287 C  C   . CYS A 1 47 ? 1.750   3.670   -7.725  1.00 22.44 ? 47  CYS A C   1 
ATOM   288 O  O   . CYS A 1 47 ? 1.170   4.738   -7.927  1.00 22.24 ? 47  CYS A O   1 
ATOM   289 C  CB  . CYS A 1 47 ? 0.369   2.649   -5.957  1.00 24.62 ? 47  CYS A CB  1 
ATOM   290 S  SG  . CYS A 1 47 ? -0.835  1.394   -5.427  1.00 27.16 ? 47  CYS A SG  1 
ATOM   291 N  N   . CYS A 1 48 ? 3.073   3.558   -7.786  1.00 20.75 ? 48  CYS A N   1 
ATOM   292 C  CA  . CYS A 1 48 ? 3.888   4.716   -8.149  1.00 21.81 ? 48  CYS A CA  1 
ATOM   293 C  C   . CYS A 1 48 ? 4.422   4.558   -9.572  1.00 23.14 ? 48  CYS A C   1 
ATOM   294 O  O   . CYS A 1 48 ? 4.270   5.449   -10.396 1.00 24.19 ? 48  CYS A O   1 
ATOM   295 C  CB  . CYS A 1 48 ? 5.035   4.911   -7.149  1.00 24.97 ? 48  CYS A CB  1 
ATOM   296 S  SG  . CYS A 1 48 ? 6.358   6.027   -7.737  1.00 26.62 ? 48  CYS A SG  1 
ATOM   297 N  N   . PHE A 1 49 ? 5.027   3.410   -9.857  1.00 24.09 ? 49  PHE A N   1 
ATOM   298 C  CA  . PHE A 1 49 ? 5.548   3.125   -11.191 1.00 28.23 ? 49  PHE A CA  1 
ATOM   299 C  C   . PHE A 1 49 ? 4.371   2.904   -12.129 1.00 28.34 ? 49  PHE A C   1 
ATOM   300 O  O   . PHE A 1 49 ? 4.448   3.177   -13.328 1.00 29.11 ? 49  PHE A O   1 
ATOM   301 C  CB  . PHE A 1 49 ? 6.425   1.875   -11.145 1.00 26.33 ? 49  PHE A CB  1 
ATOM   302 C  CG  . PHE A 1 49 ? 7.668   2.040   -10.312 1.00 29.79 ? 49  PHE A CG  1 
ATOM   303 C  CD1 . PHE A 1 49 ? 8.273   0.937   -9.719  1.00 29.68 ? 49  PHE A CD1 1 
ATOM   304 C  CD2 . PHE A 1 49 ? 8.235   3.298   -10.123 1.00 29.60 ? 49  PHE A CD2 1 
ATOM   305 C  CE1 . PHE A 1 49 ? 9.425   1.080   -8.948  1.00 31.69 ? 49  PHE A CE1 1 
ATOM   306 C  CE2 . PHE A 1 49 ? 9.392   3.454   -9.353  1.00 31.17 ? 49  PHE A CE2 1 
ATOM   307 C  CZ  . PHE A 1 49 ? 9.985   2.343   -8.765  1.00 29.97 ? 49  PHE A CZ  1 
ATOM   308 N  N   . ARG A 1 50 ? 3.277   2.405   -11.564 1.00 30.00 ? 50  ARG A N   1 
ATOM   309 C  CA  . ARG A 1 50 ? 2.057   2.155   -12.316 1.00 30.05 ? 50  ARG A CA  1 
ATOM   310 C  C   . ARG A 1 50 ? 0.914   2.821   -11.561 1.00 29.81 ? 50  ARG A C   1 
ATOM   311 O  O   . ARG A 1 50 ? 1.076   3.229   -10.410 1.00 27.39 ? 50  ARG A O   1 
ATOM   312 C  CB  . ARG A 1 50 ? 1.800   0.653   -12.422 1.00 30.92 ? 50  ARG A CB  1 
ATOM   313 C  CG  . ARG A 1 50 ? 2.938   -0.120  -13.085 1.00 35.02 ? 50  ARG A CG  1 
ATOM   314 C  CD  . ARG A 1 50 ? 2.590   -1.584  -13.243 1.00 37.07 ? 50  ARG A CD  1 
ATOM   315 N  NE  . ARG A 1 50 ? 3.607   -2.309  -13.999 1.00 39.96 ? 50  ARG A NE  1 
ATOM   316 C  CZ  . ARG A 1 50 ? 4.813   -2.624  -13.533 1.00 41.40 ? 50  ARG A CZ  1 
ATOM   317 N  NH1 . ARG A 1 50 ? 5.167   -2.283  -12.299 1.00 39.89 ? 50  ARG A NH1 1 
ATOM   318 N  NH2 . ARG A 1 50 ? 5.668   -3.279  -14.310 1.00 39.75 ? 50  ARG A NH2 1 
ATOM   319 N  N   . SER A 1 51 ? -0.236  2.944   -12.210 1.00 29.87 ? 51  SER A N   1 
ATOM   320 C  CA  . SER A 1 51 ? -1.390  3.555   -11.564 1.00 31.37 ? 51  SER A CA  1 
ATOM   321 C  C   . SER A 1 51 ? -2.223  2.455   -10.928 1.00 29.64 ? 51  SER A C   1 
ATOM   322 O  O   . SER A 1 51 ? -2.455  1.412   -11.534 1.00 30.88 ? 51  SER A O   1 
ATOM   323 C  CB  . SER A 1 51 ? -2.230  4.324   -12.589 1.00 32.94 ? 51  SER A CB  1 
ATOM   324 O  OG  . SER A 1 51 ? -2.577  3.488   -13.681 1.00 37.55 ? 51  SER A OG  1 
ATOM   325 N  N   . CYS A 1 52 ? -2.664  2.676   -9.696  1.00 28.52 ? 52  CYS A N   1 
ATOM   326 C  CA  . CYS A 1 52 ? -3.469  1.675   -9.020  1.00 26.31 ? 52  CYS A CA  1 
ATOM   327 C  C   . CYS A 1 52 ? -4.739  2.340   -8.497  1.00 26.88 ? 52  CYS A C   1 
ATOM   328 O  O   . CYS A 1 52 ? -4.769  3.549   -8.298  1.00 26.07 ? 52  CYS A O   1 
ATOM   329 C  CB  . CYS A 1 52 ? -2.665  1.028   -7.876  1.00 26.56 ? 52  CYS A CB  1 
ATOM   330 S  SG  . CYS A 1 52 ? -2.566  1.981   -6.320  1.00 28.95 ? 52  CYS A SG  1 
ATOM   331 N  N   . ASP A 1 53 ? -5.798  1.562   -8.302  1.00 28.02 ? 53  ASP A N   1 
ATOM   332 C  CA  . ASP A 1 53 ? -7.039  2.137   -7.801  1.00 27.91 ? 53  ASP A CA  1 
ATOM   333 C  C   . ASP A 1 53 ? -7.125  2.010   -6.284  1.00 25.38 ? 53  ASP A C   1 
ATOM   334 O  O   . ASP A 1 53 ? -6.329  1.298   -5.665  1.00 24.78 ? 53  ASP A O   1 
ATOM   335 C  CB  . ASP A 1 53 ? -8.253  1.477   -8.465  1.00 33.12 ? 53  ASP A CB  1 
ATOM   336 C  CG  . ASP A 1 53 ? -8.260  -0.027  -8.317  1.00 37.43 ? 53  ASP A CG  1 
ATOM   337 O  OD1 . ASP A 1 53 ? -8.061  -0.521  -7.190  1.00 40.45 ? 53  ASP A OD1 1 
ATOM   338 O  OD2 . ASP A 1 53 ? -8.478  -0.720  -9.335  1.00 43.58 ? 53  ASP A OD2 1 
ATOM   339 N  N   . LEU A 1 54 ? -8.095  2.700   -5.693  1.00 23.51 ? 54  LEU A N   1 
ATOM   340 C  CA  . LEU A 1 54 ? -8.285  2.709   -4.241  1.00 21.61 ? 54  LEU A CA  1 
ATOM   341 C  C   . LEU A 1 54 ? -8.306  1.324   -3.591  1.00 24.44 ? 54  LEU A C   1 
ATOM   342 O  O   . LEU A 1 54 ? -7.688  1.111   -2.548  1.00 23.83 ? 54  LEU A O   1 
ATOM   343 C  CB  . LEU A 1 54 ? -9.578  3.462   -3.893  1.00 24.06 ? 54  LEU A CB  1 
ATOM   344 C  CG  . LEU A 1 54 ? -9.902  3.634   -2.404  1.00 23.03 ? 54  LEU A CG  1 
ATOM   345 C  CD1 . LEU A 1 54 ? -8.757  4.367   -1.713  1.00 23.05 ? 54  LEU A CD1 1 
ATOM   346 C  CD2 . LEU A 1 54 ? -11.213 4.408   -2.248  1.00 21.62 ? 54  LEU A CD2 1 
ATOM   347 N  N   . ARG A 1 55 ? -9.035  0.391   -4.199  1.00 25.32 ? 55  ARG A N   1 
ATOM   348 C  CA  . ARG A 1 55 ? -9.137  -0.969  -3.680  1.00 29.27 ? 55  ARG A CA  1 
ATOM   349 C  C   . ARG A 1 55 ? -7.754  -1.595  -3.488  1.00 29.08 ? 55  ARG A C   1 
ATOM   350 O  O   . ARG A 1 55 ? -7.460  -2.151  -2.430  1.00 30.02 ? 55  ARG A O   1 
ATOM   351 C  CB  . ARG A 1 55 ? -9.988  -1.818  -4.638  1.00 32.36 ? 55  ARG A CB  1 
ATOM   352 C  CG  . ARG A 1 55 ? -9.447  -3.202  -4.937  1.00 38.90 ? 55  ARG A CG  1 
ATOM   353 C  CD  . ARG A 1 55 ? -10.093 -3.764  -6.201  1.00 45.72 ? 55  ARG A CD  1 
ATOM   354 N  NE  . ARG A 1 55 ? -9.368  -4.916  -6.730  1.00 47.82 ? 55  ARG A NE  1 
ATOM   355 C  CZ  . ARG A 1 55 ? -9.557  -5.424  -7.944  1.00 50.67 ? 55  ARG A CZ  1 
ATOM   356 N  NH1 . ARG A 1 55 ? -10.452 -4.883  -8.761  1.00 51.86 ? 55  ARG A NH1 1 
ATOM   357 N  NH2 . ARG A 1 55 ? -8.843  -6.466  -8.348  1.00 52.69 ? 55  ARG A NH2 1 
ATOM   358 N  N   . ARG A 1 56 ? -6.907  -1.493  -4.507  1.00 28.87 ? 56  ARG A N   1 
ATOM   359 C  CA  . ARG A 1 56 ? -5.563  -2.059  -4.440  1.00 28.25 ? 56  ARG A CA  1 
ATOM   360 C  C   . ARG A 1 56 ? -4.724  -1.332  -3.398  1.00 26.10 ? 56  ARG A C   1 
ATOM   361 O  O   . ARG A 1 56 ? -3.978  -1.952  -2.642  1.00 24.59 ? 56  ARG A O   1 
ATOM   362 C  CB  . ARG A 1 56 ? -4.891  -1.980  -5.808  1.00 32.15 ? 56  ARG A CB  1 
ATOM   363 C  CG  . ARG A 1 56 ? -5.637  -2.740  -6.896  1.00 36.63 ? 56  ARG A CG  1 
ATOM   364 C  CD  . ARG A 1 56 ? -5.746  -4.221  -6.564  1.00 41.12 ? 56  ARG A CD  1 
ATOM   365 N  NE  . ARG A 1 56 ? -4.431  -4.852  -6.471  1.00 45.83 ? 56  ARG A NE  1 
ATOM   366 C  CZ  . ARG A 1 56 ? -4.232  -6.145  -6.230  1.00 47.14 ? 56  ARG A CZ  1 
ATOM   367 N  NH1 . ARG A 1 56 ? -5.266  -6.963  -6.053  1.00 48.10 ? 56  ARG A NH1 1 
ATOM   368 N  NH2 . ARG A 1 56 ? -2.995  -6.623  -6.161  1.00 47.14 ? 56  ARG A NH2 1 
ATOM   369 N  N   . LEU A 1 57 ? -4.851  -0.014  -3.349  1.00 23.77 ? 57  LEU A N   1 
ATOM   370 C  CA  . LEU A 1 57 ? -4.105  0.773   -2.377  1.00 24.25 ? 57  LEU A CA  1 
ATOM   371 C  C   . LEU A 1 57 ? -4.422  0.348   -0.941  1.00 23.07 ? 57  LEU A C   1 
ATOM   372 O  O   . LEU A 1 57 ? -3.521  0.164   -0.125  1.00 22.21 ? 57  LEU A O   1 
ATOM   373 C  CB  . LEU A 1 57 ? -4.426  2.258   -2.550  1.00 23.53 ? 57  LEU A CB  1 
ATOM   374 C  CG  . LEU A 1 57 ? -3.747  3.207   -1.563  1.00 26.78 ? 57  LEU A CG  1 
ATOM   375 C  CD1 . LEU A 1 57 ? -2.246  3.184   -1.792  1.00 27.05 ? 57  LEU A CD1 1 
ATOM   376 C  CD2 . LEU A 1 57 ? -4.298  4.618   -1.748  1.00 29.06 ? 57  LEU A CD2 1 
ATOM   377 N  N   . GLU A 1 58 ? -5.704  0.177   -0.630  1.00 22.38 ? 58  GLU A N   1 
ATOM   378 C  CA  . GLU A 1 58 ? -6.105  -0.202  0.720   1.00 23.58 ? 58  GLU A CA  1 
ATOM   379 C  C   . GLU A 1 58 ? -5.609  -1.583  1.151   1.00 24.58 ? 58  GLU A C   1 
ATOM   380 O  O   . GLU A 1 58 ? -5.596  -1.902  2.338   1.00 25.79 ? 58  GLU A O   1 
ATOM   381 C  CB  . GLU A 1 58 ? -7.631  -0.122  0.869   1.00 28.54 ? 58  GLU A CB  1 
ATOM   382 C  CG  . GLU A 1 58 ? -8.086  -0.097  2.325   1.00 33.93 ? 58  GLU A CG  1 
ATOM   383 C  CD  . GLU A 1 58 ? -9.573  0.169   2.478   1.00 39.15 ? 58  GLU A CD  1 
ATOM   384 O  OE1 . GLU A 1 58 ? -10.017 0.437   3.619   1.00 40.04 ? 58  GLU A OE1 1 
ATOM   385 O  OE2 . GLU A 1 58 ? -10.293 0.109   1.458   1.00 38.91 ? 58  GLU A OE2 1 
ATOM   386 N  N   . MET A 1 59 ? -5.195  -2.405  0.194   1.00 23.90 ? 59  MET A N   1 
ATOM   387 C  CA  . MET A 1 59 ? -4.690  -3.727  0.529   1.00 25.40 ? 59  MET A CA  1 
ATOM   388 C  C   . MET A 1 59 ? -3.345  -3.642  1.249   1.00 23.91 ? 59  MET A C   1 
ATOM   389 O  O   . MET A 1 59 ? -2.875  -4.629  1.814   1.00 25.17 ? 59  MET A O   1 
ATOM   390 C  CB  . MET A 1 59 ? -4.570  -4.580  -0.735  1.00 28.73 ? 59  MET A CB  1 
ATOM   391 C  CG  . MET A 1 59 ? -5.921  -5.080  -1.232  1.00 32.85 ? 59  MET A CG  1 
ATOM   392 S  SD  . MET A 1 59 ? -5.822  -5.954  -2.789  1.00 38.83 ? 59  MET A SD  1 
ATOM   393 C  CE  . MET A 1 59 ? -7.558  -5.913  -3.305  1.00 39.18 ? 59  MET A CE  1 
ATOM   394 N  N   . TYR A 1 60 ? -2.727  -2.463  1.241   1.00 22.36 ? 60  TYR A N   1 
ATOM   395 C  CA  . TYR A 1 60 ? -1.448  -2.301  1.925   1.00 23.11 ? 60  TYR A CA  1 
ATOM   396 C  C   . TYR A 1 60 ? -1.592  -1.801  3.362   1.00 23.97 ? 60  TYR A C   1 
ATOM   397 O  O   . TYR A 1 60 ? -0.603  -1.532  4.042   1.00 23.36 ? 60  TYR A O   1 
ATOM   398 C  CB  . TYR A 1 60 ? -0.522  -1.388  1.122   1.00 21.55 ? 60  TYR A CB  1 
ATOM   399 C  CG  . TYR A 1 60 ? -0.040  -2.035  -0.156  1.00 23.06 ? 60  TYR A CG  1 
ATOM   400 C  CD1 . TYR A 1 60 ? -0.762  -1.908  -1.344  1.00 24.60 ? 60  TYR A CD1 1 
ATOM   401 C  CD2 . TYR A 1 60 ? 1.110   -2.818  -0.167  1.00 24.45 ? 60  TYR A CD2 1 
ATOM   402 C  CE1 . TYR A 1 60 ? -0.345  -2.554  -2.514  1.00 27.25 ? 60  TYR A CE1 1 
ATOM   403 C  CE2 . TYR A 1 60 ? 1.531   -3.467  -1.324  1.00 25.83 ? 60  TYR A CE2 1 
ATOM   404 C  CZ  . TYR A 1 60 ? 0.801   -3.333  -2.491  1.00 27.77 ? 60  TYR A CZ  1 
ATOM   405 O  OH  . TYR A 1 60 ? 1.213   -3.987  -3.630  1.00 29.49 ? 60  TYR A OH  1 
ATOM   406 N  N   . CYS A 1 61 ? -2.829  -1.679  3.828   1.00 23.86 ? 61  CYS A N   1 
ATOM   407 C  CA  . CYS A 1 61 ? -3.061  -1.260  5.204   1.00 24.88 ? 61  CYS A CA  1 
ATOM   408 C  C   . CYS A 1 61 ? -2.872  -2.463  6.121   1.00 27.62 ? 61  CYS A C   1 
ATOM   409 O  O   . CYS A 1 61 ? -3.310  -3.565  5.800   1.00 28.37 ? 61  CYS A O   1 
ATOM   410 C  CB  . CYS A 1 61 ? -4.486  -0.753  5.388   1.00 24.80 ? 61  CYS A CB  1 
ATOM   411 S  SG  . CYS A 1 61 ? -4.925  0.752   4.486   1.00 27.71 ? 61  CYS A SG  1 
ATOM   412 N  N   . ALA A 1 62 ? -2.229  -2.250  7.262   1.00 30.04 ? 62  ALA A N   1 
ATOM   413 C  CA  . ALA A 1 62 ? -2.014  -3.323  8.223   1.00 34.38 ? 62  ALA A CA  1 
ATOM   414 C  C   . ALA A 1 62 ? -3.359  -3.679  8.858   1.00 38.69 ? 62  ALA A C   1 
ATOM   415 O  O   . ALA A 1 62 ? -4.325  -2.923  8.747   1.00 37.54 ? 62  ALA A O   1 
ATOM   416 C  CB  . ALA A 1 62 ? -1.026  -2.875  9.292   1.00 34.56 ? 62  ALA A CB  1 
ATOM   417 N  N   . PRO A 1 63 ? -3.441  -4.839  9.525   1.00 42.56 ? 63  PRO A N   1 
ATOM   418 C  CA  . PRO A 1 63 ? -4.701  -5.245  10.159  1.00 46.12 ? 63  PRO A CA  1 
ATOM   419 C  C   . PRO A 1 63 ? -5.040  -4.460  11.431  1.00 49.22 ? 63  PRO A C   1 
ATOM   420 O  O   . PRO A 1 63 ? -4.176  -3.807  12.025  1.00 48.94 ? 63  PRO A O   1 
ATOM   421 C  CB  . PRO A 1 63 ? -4.481  -6.731  10.431  1.00 46.03 ? 63  PRO A CB  1 
ATOM   422 C  CG  . PRO A 1 63 ? -3.006  -6.793  10.720  1.00 45.18 ? 63  PRO A CG  1 
ATOM   423 C  CD  . PRO A 1 63 ? -2.427  -5.904  9.636   1.00 44.25 ? 63  PRO A CD  1 
ATOM   424 N  N   . LEU A 1 64 ? -6.305  -4.530  11.839  1.00 52.00 ? 64  LEU A N   1 
ATOM   425 C  CA  . LEU A 1 64 ? -6.768  -3.844  13.041  1.00 54.03 ? 64  LEU A CA  1 
ATOM   426 C  C   . LEU A 1 64 ? -6.310  -4.610  14.282  1.00 55.37 ? 64  LEU A C   1 
ATOM   427 O  O   . LEU A 1 64 ? -7.181  -5.004  15.086  1.00 56.59 ? 64  LEU A O   1 
ATOM   428 C  CB  . LEU A 1 64 ? -8.298  -3.738  13.049  1.00 54.86 ? 64  LEU A CB  1 
ATOM   429 C  CG  . LEU A 1 64 ? -9.000  -3.037  11.881  1.00 55.90 ? 64  LEU A CG  1 
ATOM   430 C  CD1 . LEU A 1 64 ? -8.896  -3.886  10.624  1.00 56.40 ? 64  LEU A CD1 1 
ATOM   431 C  CD2 . LEU A 1 64 ? -10.459 -2.807  12.233  1.00 56.33 ? 64  LEU A CD2 1 
HETATM 432 BR BR  . BR  B 2 .  ? 7.063   -2.962  4.404   0.70 41.70 ? 201 BR  A BR  1 
HETATM 433 C  C1  . CPQ C 3 .  ? -6.165  9.399   -7.940  1.00 28.06 ? 101 CPQ A C1  1 
HETATM 434 C  C2  . CPQ C 3 .  ? -6.747  8.661   -6.656  1.00 26.67 ? 101 CPQ A C2  1 
HETATM 435 C  C3  . CPQ C 3 .  ? -6.272  10.856  -5.081  1.00 21.57 ? 101 CPQ A C3  1 
HETATM 436 C  C4  . CPQ C 3 .  ? -5.689  11.352  -3.852  1.00 23.11 ? 101 CPQ A C4  1 
HETATM 437 C  C5  . CPQ C 3 .  ? -6.263  10.625  -2.538  1.00 23.33 ? 101 CPQ A C5  1 
HETATM 438 C  C6  . CPQ C 3 .  ? -6.046  9.019   -2.682  1.00 23.82 ? 101 CPQ A C6  1 
HETATM 439 C  C7  . CPQ C 3 .  ? -6.530  8.385   -1.363  1.00 24.43 ? 101 CPQ A C7  1 
HETATM 440 C  C8  . CPQ C 3 .  ? -6.239  9.442   -0.327  1.00 22.36 ? 101 CPQ A C8  1 
HETATM 441 C  C9  . CPQ C 3 .  ? -5.601  10.745  -1.161  1.00 23.63 ? 101 CPQ A C9  1 
HETATM 442 C  C10 . CPQ C 3 .  ? -7.960  11.066  -2.527  1.00 19.96 ? 101 CPQ A C10 1 
HETATM 443 C  C11 . CPQ C 3 .  ? -8.448  9.040   -6.544  1.00 28.55 ? 101 CPQ A C11 1 
HETATM 444 C  C12 . CPQ C 3 .  ? -4.712  9.118   -8.108  1.00 28.96 ? 101 CPQ A C12 1 
HETATM 445 C  C13 . CPQ C 3 .  ? -4.429  7.574   -8.230  1.00 29.75 ? 101 CPQ A C13 1 
HETATM 446 C  C14 . CPQ C 3 .  ? -4.964  6.820   -6.971  1.00 26.78 ? 101 CPQ A C14 1 
HETATM 447 C  C15 . CPQ C 3 .  ? -6.459  7.063   -6.773  1.00 28.09 ? 101 CPQ A C15 1 
HETATM 448 C  C16 . CPQ C 3 .  ? -7.024  6.317   -5.507  1.00 25.88 ? 101 CPQ A C16 1 
HETATM 449 C  C17 . CPQ C 3 .  ? -6.446  6.860   -4.202  1.00 27.61 ? 101 CPQ A C17 1 
HETATM 450 C  C18 . CPQ C 3 .  ? -6.658  8.468   -4.017  1.00 24.49 ? 101 CPQ A C18 1 
HETATM 451 C  C19 . CPQ C 3 .  ? -6.058  9.239   -5.240  1.00 25.57 ? 101 CPQ A C19 1 
HETATM 452 C  C20 . CPQ C 3 .  ? -5.895  11.984  -0.360  1.00 24.90 ? 101 CPQ A C20 1 
HETATM 453 C  C21 . CPQ C 3 .  ? -5.360  13.405  -1.133  1.00 24.16 ? 101 CPQ A C21 1 
HETATM 454 C  C22 . CPQ C 3 .  ? -5.097  11.846  1.080   1.00 30.79 ? 101 CPQ A C22 1 
HETATM 455 C  C23 . CPQ C 3 .  ? -5.227  12.941  2.140   1.00 38.89 ? 101 CPQ A C23 1 
HETATM 456 O  O2  . CPQ C 3 .  ? -3.002  7.298   -8.381  1.00 28.45 ? 101 CPQ A O2  1 
HETATM 457 O  O4  . CPQ C 3 .  ? -4.209  11.064  -3.968  1.00 20.23 ? 101 CPQ A O4  1 
HETATM 458 C  C57 . CPQ C 3 .  ? -4.516  14.339  2.094   1.00 44.16 ? 101 CPQ A C57 1 
HETATM 459 N  N59 . CPQ C 3 .  ? -4.567  15.357  2.984   1.00 49.08 ? 101 CPQ A N59 1 
HETATM 460 C  C74 . CPQ C 3 .  ? -3.724  16.617  2.594   1.00 53.60 ? 101 CPQ A C74 1 
HETATM 461 C  C75 . CPQ C 3 .  ? -4.078  18.083  3.305   1.00 57.29 ? 101 CPQ A C75 1 
HETATM 462 C  C76 . CPQ C 3 .  ? -3.102  19.175  2.686   1.00 60.68 ? 101 CPQ A C76 1 
HETATM 463 N  N77 . CPQ C 3 .  ? -2.888  20.118  3.823   1.00 64.40 ? 101 CPQ A N77 1 
HETATM 464 C  C78 . CPQ C 3 .  ? -3.036  21.528  3.767   1.00 66.31 ? 101 CPQ A C78 1 
HETATM 465 C  C80 . CPQ C 3 .  ? -2.727  22.276  5.070   1.00 66.35 ? 101 CPQ A C80 1 
HETATM 466 O  O86 . CPQ C 3 .  ? -2.343  21.310  6.119   1.00 67.98 ? 101 CPQ A O86 1 
HETATM 467 C  C81 . CPQ C 3 .  ? -4.044  23.207  5.423   0.00 65.48 ? 101 CPQ A C81 1 
HETATM 468 O  O87 . CPQ C 3 .  ? -5.347  22.467  5.548   0.00 65.27 ? 101 CPQ A O87 1 
HETATM 469 C  C82 . CPQ C 3 .  ? -3.781  24.050  6.787   0.00 64.70 ? 101 CPQ A C82 1 
HETATM 470 O  O88 . CPQ C 3 .  ? -3.549  23.065  7.876   0.00 64.52 ? 101 CPQ A O88 1 
HETATM 471 C  C83 . CPQ C 3 .  ? -5.026  24.977  7.160   0.00 64.20 ? 101 CPQ A C83 1 
HETATM 472 O  O89 . CPQ C 3 .  ? -5.234  25.948  6.054   0.00 63.98 ? 101 CPQ A O89 1 
HETATM 473 C  C84 . CPQ C 3 .  ? -4.800  25.825  8.504   0.00 63.88 ? 101 CPQ A C84 1 
HETATM 474 O  O85 . CPQ C 3 .  ? -5.943  26.691  8.864   0.00 63.61 ? 101 CPQ A O85 1 
HETATM 475 O  O79 . CPQ C 3 .  ? -3.379  22.159  2.744   1.00 66.55 ? 101 CPQ A O79 1 
HETATM 476 C  C68 . CPQ C 3 .  ? -5.271  15.478  4.239   1.00 52.10 ? 101 CPQ A C68 1 
HETATM 477 C  C69 . CPQ C 3 .  ? -6.830  15.728  4.087   1.00 52.33 ? 101 CPQ A C69 1 
HETATM 478 C  C70 . CPQ C 3 .  ? -7.553  15.889  5.400   1.00 55.63 ? 101 CPQ A C70 1 
HETATM 479 N  N71 . CPQ C 3 .  ? -6.599  15.786  6.513   1.00 59.14 ? 101 CPQ A N71 1 
HETATM 480 C  C72 . CPQ C 3 .  ? -6.892  15.882  7.787   1.00 60.60 ? 101 CPQ A C72 1 
HETATM 481 C  C90 . CPQ C 3 .  ? -5.686  16.173  8.721   1.00 60.41 ? 101 CPQ A C90 1 
HETATM 482 O  O96 . CPQ C 3 .  ? -5.994  15.908  10.102  1.00 60.81 ? 101 CPQ A O96 1 
HETATM 483 C  C91 . CPQ C 3 .  ? -5.168  17.684  8.400   1.00 59.62 ? 101 CPQ A C91 1 
HETATM 484 O  O97 . CPQ C 3 .  ? -6.268  18.530  7.856   1.00 60.01 ? 101 CPQ A O97 1 
HETATM 485 C  C92 . CPQ C 3 .  ? -4.554  18.481  9.706   0.00 59.07 ? 101 CPQ A C92 1 
HETATM 486 O  O98 . CPQ C 3 .  ? -4.719  19.914  9.404   0.00 58.88 ? 101 CPQ A O98 1 
HETATM 487 C  C93 . CPQ C 3 .  ? -3.005  18.080  9.866   0.00 58.59 ? 101 CPQ A C93 1 
HETATM 488 O  O99 . CPQ C 3 .  ? -2.996  16.646  10.179  0.00 58.40 ? 101 CPQ A O99 1 
HETATM 489 C  C94 . CPQ C 3 .  ? -2.185  18.725  11.069  0.00 58.31 ? 101 CPQ A C94 1 
HETATM 490 O  O95 . CPQ C 3 .  ? -0.798  18.209  11.004  0.00 58.06 ? 101 CPQ A O95 1 
HETATM 491 O  O73 . CPQ C 3 .  ? -8.061  15.729  8.228   1.00 61.54 ? 101 CPQ A O73 1 
HETATM 492 O  O58 . CPQ C 3 .  ? -3.850  14.489  1.143   1.00 45.52 ? 101 CPQ A O58 1 
HETATM 493 O  O   . HOH D 4 .  ? -5.203  12.964  -8.390  1.00 26.52 ? 202 HOH A O   1 
HETATM 494 O  O   . HOH D 4 .  ? -1.947  11.758  -2.001  1.00 25.18 ? 203 HOH A O   1 
HETATM 495 O  O   . HOH D 4 .  ? -3.277  12.250  -6.274  1.00 27.61 ? 204 HOH A O   1 
HETATM 496 O  O   . HOH D 4 .  ? -2.767  11.954  4.905   1.00 33.98 ? 205 HOH A O   1 
HETATM 497 O  O   . HOH D 4 .  ? 2.629   12.441  9.218   1.00 25.98 ? 206 HOH A O   1 
HETATM 498 O  O   . HOH D 4 .  ? -11.339 10.452  7.030   1.00 30.65 ? 207 HOH A O   1 
HETATM 499 O  O   . HOH D 4 .  ? 7.023   -1.250  -2.497  1.00 28.25 ? 208 HOH A O   1 
HETATM 500 O  O   . HOH D 4 .  ? -5.383  -1.320  -9.487  1.00 33.86 ? 209 HOH A O   1 
HETATM 501 O  O   . HOH D 4 .  ? 2.769   11.428  -6.729  1.00 25.50 ? 210 HOH A O   1 
HETATM 502 O  O   . HOH D 4 .  ? 3.765   -7.026  -1.553  1.00 39.07 ? 211 HOH A O   1 
HETATM 503 O  O   . HOH D 4 .  ? -1.630  14.208  -0.795  1.00 33.11 ? 212 HOH A O   1 
HETATM 504 O  O   . HOH D 4 .  ? -10.241 3.755   5.163   1.00 26.00 ? 213 HOH A O   1 
HETATM 505 O  O   . HOH D 4 .  ? -0.267  2.080   -15.326 1.00 38.40 ? 214 HOH A O   1 
HETATM 506 O  O   . HOH D 4 .  ? -1.566  5.060   -8.578  1.00 25.10 ? 215 HOH A O   1 
HETATM 507 O  O   . HOH D 4 .  ? -0.937  -1.218  -10.878 1.00 34.15 ? 216 HOH A O   1 
HETATM 508 O  O   . HOH D 4 .  ? -2.407  -0.365  -13.702 1.00 61.49 ? 217 HOH A O   1 
HETATM 509 O  O   . HOH D 4 .  ? 5.508   -4.731  9.410   1.00 63.42 ? 218 HOH A O   1 
HETATM 510 O  O   . HOH D 4 .  ? 3.274   16.112  2.257   1.00 44.79 ? 219 HOH A O   1 
HETATM 511 O  O   . HOH D 4 .  ? -2.087  4.911   8.821   1.00 42.71 ? 220 HOH A O   1 
HETATM 512 O  O   . HOH D 4 .  ? -6.675  0.287   14.156  1.00 46.03 ? 221 HOH A O   1 
HETATM 513 O  O   . HOH D 4 .  ? -3.240  -2.614  -9.502  1.00 37.89 ? 222 HOH A O   1 
HETATM 514 O  O   . HOH D 4 .  ? -0.144  12.676  5.856   1.00 39.77 ? 223 HOH A O   1 
HETATM 515 O  O   . HOH D 4 .  ? -5.786  -4.234  4.173   1.00 43.65 ? 224 HOH A O   1 
HETATM 516 O  O   . HOH D 4 .  ? 7.515   -3.238  8.728   1.00 63.47 ? 225 HOH A O   1 
HETATM 517 O  O   . HOH D 4 .  ? -0.154  7.255   9.716   1.00 45.08 ? 226 HOH A O   1 
HETATM 518 O  O   . HOH D 4 .  ? -8.954  21.746  13.871  1.00 41.51 ? 227 HOH A O   1 
HETATM 519 O  O   . HOH D 4 .  ? -1.523  11.627  -8.315  1.00 39.96 ? 228 HOH A O   1 
HETATM 520 O  O   . HOH D 4 .  ? -11.425 4.853   7.818   1.00 43.26 ? 229 HOH A O   1 
HETATM 521 O  O   . HOH D 4 .  ? -11.289 1.021   -6.144  1.00 37.09 ? 230 HOH A O   1 
HETATM 522 O  O   . HOH D 4 .  ? -10.184 6.990   8.760   1.00 52.12 ? 231 HOH A O   1 
HETATM 523 O  O   . HOH D 4 .  ? -8.130  -3.204  -9.454  1.00 72.09 ? 232 HOH A O   1 
HETATM 524 O  O   . HOH D 4 .  ? 8.644   -9.626  -3.695  1.00 49.11 ? 233 HOH A O   1 
HETATM 525 O  O   . HOH D 4 .  ? -8.393  3.459   11.624  1.00 44.01 ? 234 HOH A O   1 
HETATM 526 O  O   . HOH D 4 .  ? -9.232  -3.647  -0.691  1.00 32.29 ? 235 HOH A O   1 
HETATM 527 O  O   . HOH D 4 .  ? -6.228  14.981  -10.287 1.00 45.50 ? 236 HOH A O   1 
HETATM 528 O  O   . HOH D 4 .  ? -2.566  -4.405  -3.601  1.00 32.58 ? 237 HOH A O   1 
HETATM 529 O  O   . HOH D 4 .  ? 3.933   14.654  14.812  1.00 52.88 ? 238 HOH A O   1 
HETATM 530 O  O   . HOH D 4 .  ? -8.869  12.053  8.856   1.00 70.96 ? 239 HOH A O   1 
HETATM 531 O  O   . HOH D 4 .  ? 3.808   2.175   -15.974 1.00 51.26 ? 240 HOH A O   1 
HETATM 532 O  O   . HOH D 4 .  ? -3.274  6.467   -15.674 1.00 47.48 ? 241 HOH A O   1 
HETATM 533 O  O   . HOH D 4 .  ? -0.186  0.263   18.150  1.00 54.57 ? 242 HOH A O   1 
HETATM 534 O  O   . HOH D 4 .  ? -10.387 21.798  11.461  1.00 42.18 ? 243 HOH A O   1 
HETATM 535 O  O   . HOH D 4 .  ? -1.300  13.813  -4.660  1.00 52.80 ? 244 HOH A O   1 
HETATM 536 O  O   . HOH D 4 .  ? 2.827   15.629  -0.734  1.00 64.12 ? 245 HOH A O   1 
HETATM 537 O  O   . HOH D 4 .  ? -8.369  8.934   7.621   1.00 32.06 ? 246 HOH A O   1 
HETATM 538 O  O   . HOH D 4 .  ? -7.240  -9.854  -5.919  1.00 58.22 ? 247 HOH A O   1 
HETATM 539 O  O   . HOH D 4 .  ? -8.859  -4.128  -11.931 1.00 43.11 ? 248 HOH A O   1 
# 
